data_1I1D
#
_entry.id   1I1D
#
_cell.length_a   156.010
_cell.length_b   51.619
_cell.length_c   91.655
_cell.angle_alpha   90.00
_cell.angle_beta   107.98
_cell.angle_gamma   90.00
#
_symmetry.space_group_name_H-M   'C 1 2 1'
#
loop_
_entity.id
_entity.type
_entity.pdbx_description
1 polymer 'GLUCOSAMINE-PHOSPHATE N-ACETYLTRANSFERASE'
2 non-polymer 2-acetamido-2-deoxy-6-O-phosphono-alpha-D-glucopyranose
3 non-polymer 'COENZYME A'
4 non-polymer IMIDAZOLE
5 water water
#
_entity_poly.entity_id   1
_entity_poly.type   'polypeptide(L)'
_entity_poly.pdbx_seq_one_letter_code
;GSMSLPDGFYIRRMEEGDLEQVTETLKVLTTVGTITPESFCKLIKYWNEATVWNDNEDKKIMQYNPMVIVDKRTETVAAT
GNIIIERKIIHELGLCGHIEDIAVNSKYQGQGLGKLLIDQLVTIGFDYGCYKIILDCDEKNVKFYEKCGFSNAGVEMQIR
K
;
_entity_poly.pdbx_strand_id   A,B,C,D
#
loop_
_chem_comp.id
_chem_comp.type
_chem_comp.name
_chem_comp.formula
16G D-saccharide, alpha linking 2-acetamido-2-deoxy-6-O-phosphono-alpha-D-glucopyranose 'C8 H16 N O9 P'
COA non-polymer 'COENZYME A' 'C21 H36 N7 O16 P3 S'
IMD non-polymer IMIDAZOLE 'C3 H5 N2 1'
#
# COMPACT_ATOMS: atom_id res chain seq x y z
N MET A 3 4.87 -6.67 -22.63
CA MET A 3 4.58 -7.36 -21.34
C MET A 3 5.75 -8.20 -20.76
N SER A 4 7.00 -7.73 -20.86
CA SER A 4 8.08 -8.51 -20.26
C SER A 4 8.47 -7.88 -18.94
N LEU A 5 8.95 -8.70 -18.03
CA LEU A 5 9.36 -8.23 -16.74
C LEU A 5 10.68 -7.47 -16.82
N PRO A 6 10.96 -6.62 -15.83
CA PRO A 6 12.24 -5.90 -15.87
C PRO A 6 13.39 -6.91 -15.73
N ASP A 7 14.53 -6.59 -16.31
CA ASP A 7 15.69 -7.49 -16.17
C ASP A 7 15.96 -7.79 -14.71
N GLY A 8 16.18 -9.06 -14.37
CA GLY A 8 16.49 -9.39 -12.99
C GLY A 8 15.30 -10.00 -12.23
N PHE A 9 14.12 -9.85 -12.81
CA PHE A 9 12.90 -10.40 -12.22
C PHE A 9 12.27 -11.46 -13.12
N TYR A 10 11.78 -12.53 -12.54
CA TYR A 10 11.12 -13.55 -13.33
C TYR A 10 9.85 -14.00 -12.59
N ILE A 11 8.96 -14.64 -13.31
CA ILE A 11 7.74 -15.12 -12.64
C ILE A 11 7.70 -16.60 -12.83
N ARG A 12 7.22 -17.31 -11.81
CA ARG A 12 7.08 -18.76 -11.89
C ARG A 12 6.00 -19.20 -10.95
N ARG A 13 5.58 -20.44 -11.12
CA ARG A 13 4.60 -21.04 -10.25
C ARG A 13 5.17 -21.19 -8.82
N MET A 14 4.30 -20.94 -7.83
CA MET A 14 4.68 -20.98 -6.44
C MET A 14 5.08 -22.41 -6.10
N GLU A 15 6.10 -22.55 -5.24
CA GLU A 15 6.62 -23.83 -4.85
C GLU A 15 6.55 -24.04 -3.34
N GLU A 16 6.67 -25.29 -2.92
CA GLU A 16 6.64 -25.58 -1.51
C GLU A 16 7.67 -24.77 -0.71
N GLY A 17 8.86 -24.60 -1.25
CA GLY A 17 9.86 -23.80 -0.53
C GLY A 17 9.58 -22.32 -0.34
N ASP A 18 8.50 -21.82 -0.95
CA ASP A 18 8.16 -20.40 -0.85
C ASP A 18 7.39 -20.01 0.38
N LEU A 19 7.13 -20.97 1.25
CA LEU A 19 6.33 -20.67 2.42
C LEU A 19 6.69 -19.43 3.17
N GLU A 20 7.93 -19.29 3.58
CA GLU A 20 8.24 -18.13 4.36
C GLU A 20 8.08 -16.78 3.64
N GLN A 21 8.57 -16.70 2.41
CA GLN A 21 8.45 -15.45 1.68
C GLN A 21 7.01 -15.09 1.28
N VAL A 22 6.27 -16.10 0.90
CA VAL A 22 4.87 -15.87 0.51
C VAL A 22 4.02 -15.43 1.69
N THR A 23 4.21 -16.05 2.87
CA THR A 23 3.40 -15.66 4.02
C THR A 23 3.75 -14.27 4.40
N GLU A 24 5.04 -13.95 4.32
CA GLU A 24 5.47 -12.60 4.64
C GLU A 24 4.86 -11.59 3.69
N THR A 25 4.77 -11.95 2.42
CA THR A 25 4.24 -11.04 1.42
C THR A 25 2.74 -10.83 1.58
N LEU A 26 2.02 -11.94 1.77
CA LEU A 26 0.59 -11.87 1.90
C LEU A 26 0.17 -11.13 3.16
N LYS A 27 1.02 -11.11 4.20
CA LYS A 27 0.63 -10.42 5.43
C LYS A 27 0.40 -8.92 5.22
N VAL A 28 0.95 -8.38 4.16
CA VAL A 28 0.76 -6.98 3.91
C VAL A 28 -0.60 -6.74 3.28
N LEU A 29 -1.25 -7.83 2.87
CA LEU A 29 -2.58 -7.73 2.25
C LEU A 29 -3.65 -7.98 3.32
N THR A 30 -3.49 -9.04 4.09
CA THR A 30 -4.50 -9.36 5.10
C THR A 30 -3.98 -10.37 6.12
N THR A 31 -4.87 -10.93 6.92
CA THR A 31 -4.48 -11.92 7.93
C THR A 31 -4.03 -13.25 7.29
N VAL A 32 -2.91 -13.78 7.74
CA VAL A 32 -2.38 -15.04 7.23
C VAL A 32 -2.38 -16.03 8.39
N GLY A 33 -1.80 -15.63 9.52
CA GLY A 33 -1.77 -16.50 10.68
C GLY A 33 -0.72 -17.58 10.65
N THR A 34 -0.96 -18.64 11.43
CA THR A 34 -0.02 -19.74 11.55
C THR A 34 -0.14 -20.85 10.54
N ILE A 35 0.93 -21.08 9.80
CA ILE A 35 0.94 -22.13 8.79
C ILE A 35 2.23 -22.94 8.90
N THR A 36 2.10 -24.24 9.10
CA THR A 36 3.27 -25.10 9.22
C THR A 36 3.77 -25.56 7.85
N PRO A 37 5.03 -25.97 7.78
CA PRO A 37 5.60 -26.44 6.53
C PRO A 37 4.81 -27.67 6.06
N GLU A 38 4.39 -28.49 7.01
CA GLU A 38 3.65 -29.69 6.71
C GLU A 38 2.32 -29.40 6.00
N SER A 39 1.56 -28.47 6.54
CA SER A 39 0.29 -28.10 5.94
C SER A 39 0.54 -27.41 4.58
N PHE A 40 1.56 -26.54 4.49
CA PHE A 40 1.80 -25.86 3.22
C PHE A 40 2.15 -26.89 2.17
N CYS A 41 2.90 -27.91 2.57
CA CYS A 41 3.24 -28.98 1.63
C CYS A 41 1.97 -29.57 1.02
N LYS A 42 0.98 -29.77 1.90
CA LYS A 42 -0.28 -30.37 1.49
C LYS A 42 -1.04 -29.42 0.55
N LEU A 43 -1.03 -28.14 0.89
CA LEU A 43 -1.73 -27.15 0.06
C LEU A 43 -1.10 -27.15 -1.32
N ILE A 44 0.23 -27.06 -1.40
CA ILE A 44 0.87 -27.05 -2.70
C ILE A 44 0.54 -28.30 -3.56
N LYS A 45 0.44 -29.48 -2.94
CA LYS A 45 0.10 -30.70 -3.69
C LYS A 45 -1.32 -30.59 -4.22
N TYR A 46 -2.23 -30.10 -3.39
CA TYR A 46 -3.62 -29.95 -3.84
C TYR A 46 -3.63 -28.98 -5.08
N TRP A 47 -3.04 -27.80 -4.90
CA TRP A 47 -2.97 -26.79 -5.98
C TRP A 47 -2.26 -27.36 -7.20
N ASN A 48 -1.33 -28.28 -6.99
CA ASN A 48 -0.64 -28.84 -8.14
C ASN A 48 -1.36 -30.00 -8.80
N GLU A 49 -2.41 -30.50 -8.16
CA GLU A 49 -3.13 -31.62 -8.75
C GLU A 49 -4.53 -31.31 -9.26
N ALA A 50 -5.20 -30.33 -8.66
CA ALA A 50 -6.56 -30.03 -9.11
C ALA A 50 -6.59 -29.56 -10.58
N THR A 51 -7.37 -30.27 -11.39
CA THR A 51 -7.49 -29.91 -12.80
C THR A 51 -8.94 -29.68 -13.17
N VAL A 52 -9.16 -28.84 -14.18
CA VAL A 52 -10.51 -28.54 -14.64
C VAL A 52 -10.77 -29.43 -15.85
N TRP A 53 -11.85 -30.18 -15.81
CA TRP A 53 -12.25 -31.07 -16.91
C TRP A 53 -12.15 -30.33 -18.23
N ASN A 54 -11.47 -30.93 -19.19
CA ASN A 54 -11.28 -30.32 -20.49
C ASN A 54 -11.41 -31.44 -21.51
N ASP A 55 -12.33 -31.32 -22.46
CA ASP A 55 -12.49 -32.39 -23.45
C ASP A 55 -11.88 -32.05 -24.81
N LYS A 59 -4.85 -30.87 -23.46
CA LYS A 59 -4.54 -29.55 -22.89
C LYS A 59 -5.01 -29.56 -21.45
N LYS A 60 -4.08 -29.63 -20.50
CA LYS A 60 -4.43 -29.69 -19.08
C LYS A 60 -4.64 -28.30 -18.42
N ILE A 61 -5.80 -28.15 -17.80
CA ILE A 61 -6.14 -26.90 -17.12
C ILE A 61 -5.98 -27.05 -15.60
N MET A 62 -5.02 -26.36 -14.98
CA MET A 62 -4.87 -26.39 -13.52
C MET A 62 -5.91 -25.38 -12.96
N GLN A 63 -6.69 -25.84 -12.00
CA GLN A 63 -7.66 -24.97 -11.37
C GLN A 63 -6.97 -23.80 -10.66
N TYR A 64 -5.81 -24.07 -10.05
CA TYR A 64 -5.05 -23.03 -9.32
C TYR A 64 -3.77 -22.71 -10.06
N ASN A 65 -3.42 -21.44 -10.08
CA ASN A 65 -2.23 -21.01 -10.81
C ASN A 65 -1.53 -19.93 -10.02
N PRO A 66 -0.97 -20.30 -8.87
CA PRO A 66 -0.26 -19.44 -7.93
C PRO A 66 1.06 -19.03 -8.48
N MET A 67 1.25 -17.74 -8.61
CA MET A 67 2.52 -17.26 -9.19
C MET A 67 3.30 -16.41 -8.20
N VAL A 68 4.63 -16.41 -8.33
CA VAL A 68 5.42 -15.48 -7.58
C VAL A 68 6.36 -14.75 -8.55
N ILE A 69 6.58 -13.46 -8.35
CA ILE A 69 7.58 -12.77 -9.15
C ILE A 69 8.78 -12.72 -8.17
N VAL A 70 9.95 -13.12 -8.65
CA VAL A 70 11.17 -13.19 -7.83
C VAL A 70 12.26 -12.25 -8.35
N ASP A 71 12.87 -11.52 -7.42
CA ASP A 71 13.98 -10.62 -7.68
C ASP A 71 15.17 -11.62 -7.52
N LYS A 72 15.72 -12.06 -8.66
CA LYS A 72 16.75 -13.09 -8.65
C LYS A 72 17.98 -12.73 -7.83
N ARG A 73 18.37 -11.46 -7.84
CA ARG A 73 19.57 -10.97 -7.14
C ARG A 73 19.57 -11.38 -5.69
N THR A 74 18.44 -11.18 -5.01
CA THR A 74 18.33 -11.59 -3.60
C THR A 74 17.47 -12.82 -3.36
N GLU A 75 16.98 -13.45 -4.43
CA GLU A 75 16.05 -14.58 -4.33
C GLU A 75 14.86 -14.18 -3.45
N THR A 76 14.40 -12.93 -3.62
CA THR A 76 13.28 -12.43 -2.81
C THR A 76 11.95 -12.44 -3.60
N VAL A 77 10.86 -12.80 -2.94
CA VAL A 77 9.57 -12.76 -3.63
C VAL A 77 9.14 -11.33 -3.62
N ALA A 78 8.97 -10.72 -4.80
CA ALA A 78 8.54 -9.34 -4.86
C ALA A 78 7.05 -9.21 -4.87
N ALA A 79 6.37 -10.25 -5.37
CA ALA A 79 4.90 -10.20 -5.48
C ALA A 79 4.35 -11.60 -5.69
N THR A 80 3.06 -11.76 -5.40
CA THR A 80 2.39 -13.02 -5.62
C THR A 80 0.93 -12.71 -6.00
N GLY A 81 0.34 -13.62 -6.77
CA GLY A 81 -1.04 -13.44 -7.24
C GLY A 81 -1.49 -14.81 -7.71
N ASN A 82 -2.79 -15.03 -7.88
CA ASN A 82 -3.21 -16.37 -8.30
C ASN A 82 -4.40 -16.17 -9.23
N ILE A 83 -4.65 -17.18 -10.03
CA ILE A 83 -5.86 -17.13 -10.88
C ILE A 83 -6.48 -18.52 -10.80
N ILE A 84 -7.76 -18.54 -10.37
CA ILE A 84 -8.51 -19.78 -10.16
C ILE A 84 -9.48 -19.96 -11.31
N ILE A 85 -9.49 -21.16 -11.90
CA ILE A 85 -10.31 -21.42 -13.10
C ILE A 85 -11.56 -22.18 -12.75
N GLU A 86 -12.69 -21.68 -13.23
CA GLU A 86 -14.02 -22.28 -12.92
C GLU A 86 -14.73 -22.67 -14.18
N ARG A 87 -15.30 -23.88 -14.24
CA ARG A 87 -16.10 -24.23 -15.44
C ARG A 87 -17.60 -24.00 -15.09
N LYS A 88 -18.32 -23.36 -16.00
CA LYS A 88 -19.72 -23.01 -15.82
C LYS A 88 -20.57 -23.73 -16.88
N ILE A 89 -21.86 -23.42 -16.86
CA ILE A 89 -22.76 -23.93 -17.91
C ILE A 89 -22.98 -22.80 -18.91
N ILE A 90 -23.08 -21.57 -18.44
CA ILE A 90 -23.30 -20.47 -19.37
C ILE A 90 -22.13 -20.32 -20.35
N HIS A 91 -22.36 -19.63 -21.44
CA HIS A 91 -21.35 -19.44 -22.49
C HIS A 91 -20.82 -20.78 -23.01
N GLU A 92 -21.75 -21.72 -23.24
CA GLU A 92 -21.41 -23.05 -23.78
C GLU A 92 -20.37 -23.75 -22.97
N LEU A 93 -20.70 -23.98 -21.71
CA LEU A 93 -19.78 -24.63 -20.75
C LEU A 93 -18.48 -23.78 -20.67
N GLY A 94 -18.65 -22.46 -20.54
CA GLY A 94 -17.52 -21.53 -20.50
C GLY A 94 -16.64 -21.61 -19.27
N LEU A 95 -15.44 -21.08 -19.42
CA LEU A 95 -14.46 -21.04 -18.35
C LEU A 95 -14.36 -19.60 -17.86
N CYS A 96 -14.35 -19.44 -16.56
CA CYS A 96 -14.22 -18.11 -16.00
C CYS A 96 -12.97 -18.10 -15.08
N GLY A 97 -12.13 -17.10 -15.25
CA GLY A 97 -10.95 -17.01 -14.39
C GLY A 97 -11.27 -16.05 -13.23
N HIS A 98 -10.73 -16.35 -12.04
CA HIS A 98 -10.94 -15.53 -10.84
C HIS A 98 -9.55 -15.15 -10.33
N ILE A 99 -9.14 -13.90 -10.50
CA ILE A 99 -7.81 -13.47 -10.04
C ILE A 99 -7.97 -13.16 -8.54
N GLU A 100 -7.06 -13.71 -7.73
CA GLU A 100 -7.15 -13.56 -6.29
C GLU A 100 -5.79 -13.34 -5.65
N ASP A 101 -5.88 -12.76 -4.46
CA ASP A 101 -4.74 -12.63 -3.56
C ASP A 101 -3.52 -11.99 -4.16
N ILE A 102 -3.73 -10.80 -4.75
CA ILE A 102 -2.64 -10.02 -5.33
C ILE A 102 -1.92 -9.28 -4.21
N ALA A 103 -0.59 -9.37 -4.11
CA ALA A 103 0.13 -8.63 -3.07
C ALA A 103 1.52 -8.33 -3.60
N VAL A 104 1.89 -7.06 -3.58
CA VAL A 104 3.23 -6.69 -4.04
C VAL A 104 3.93 -6.13 -2.81
N ASN A 105 5.10 -6.63 -2.46
CA ASN A 105 5.79 -6.04 -1.29
C ASN A 105 6.09 -4.58 -1.51
N SER A 106 5.99 -3.81 -0.42
CA SER A 106 6.21 -2.37 -0.46
C SER A 106 7.46 -1.94 -1.18
N LYS A 107 8.60 -2.56 -0.82
CA LYS A 107 9.88 -2.24 -1.45
C LYS A 107 9.90 -2.39 -2.94
N TYR A 108 8.95 -3.18 -3.48
CA TYR A 108 8.89 -3.45 -4.92
C TYR A 108 7.74 -2.78 -5.64
N GLN A 109 6.96 -1.95 -4.96
CA GLN A 109 5.86 -1.30 -5.65
C GLN A 109 6.33 -0.09 -6.47
N GLY A 110 5.51 0.36 -7.41
CA GLY A 110 5.83 1.51 -8.23
C GLY A 110 6.86 1.23 -9.30
N GLN A 111 7.05 -0.05 -9.61
CA GLN A 111 8.05 -0.45 -10.58
C GLN A 111 7.42 -1.20 -11.76
N GLY A 112 6.09 -1.27 -11.77
CA GLY A 112 5.37 -1.93 -12.84
C GLY A 112 5.17 -3.43 -12.60
N LEU A 113 5.55 -3.93 -11.44
CA LEU A 113 5.44 -5.36 -11.23
C LEU A 113 4.04 -5.82 -11.01
N GLY A 114 3.23 -4.98 -10.36
CA GLY A 114 1.83 -5.39 -10.15
C GLY A 114 1.12 -5.56 -11.49
N LYS A 115 1.29 -4.59 -12.38
CA LYS A 115 0.66 -4.67 -13.69
C LYS A 115 1.17 -5.90 -14.46
N LEU A 116 2.49 -6.12 -14.44
CA LEU A 116 2.99 -7.29 -15.16
C LEU A 116 2.43 -8.59 -14.55
N LEU A 117 2.33 -8.63 -13.22
CA LEU A 117 1.74 -9.83 -12.59
C LEU A 117 0.28 -10.05 -13.11
N ILE A 118 -0.52 -8.99 -13.06
CA ILE A 118 -1.93 -9.14 -13.54
C ILE A 118 -1.91 -9.56 -15.01
N ASP A 119 -1.03 -8.95 -15.80
CA ASP A 119 -0.98 -9.30 -17.22
C ASP A 119 -0.66 -10.79 -17.42
N GLN A 120 0.23 -11.31 -16.63
CA GLN A 120 0.59 -12.73 -16.76
C GLN A 120 -0.57 -13.61 -16.32
N LEU A 121 -1.30 -13.20 -15.29
CA LEU A 121 -2.44 -14.00 -14.82
C LEU A 121 -3.54 -14.02 -15.87
N VAL A 122 -3.79 -12.86 -16.46
CA VAL A 122 -4.77 -12.73 -17.51
C VAL A 122 -4.40 -13.62 -18.71
N THR A 123 -3.12 -13.64 -19.03
CA THR A 123 -2.66 -14.46 -20.14
C THR A 123 -2.88 -15.93 -19.85
N ILE A 124 -2.66 -16.31 -18.61
CA ILE A 124 -2.84 -17.70 -18.22
C ILE A 124 -4.29 -18.03 -18.44
N GLY A 125 -5.16 -17.12 -17.97
CA GLY A 125 -6.59 -17.38 -18.15
C GLY A 125 -7.09 -17.45 -19.57
N PHE A 126 -6.70 -16.50 -20.41
CA PHE A 126 -7.13 -16.51 -21.78
C PHE A 126 -6.52 -17.71 -22.50
N ASP A 127 -5.28 -18.08 -22.17
CA ASP A 127 -4.68 -19.24 -22.86
C ASP A 127 -5.46 -20.53 -22.54
N TYR A 128 -6.05 -20.60 -21.36
CA TYR A 128 -6.87 -21.76 -21.03
C TYR A 128 -8.23 -21.72 -21.74
N GLY A 129 -8.59 -20.57 -22.28
CA GLY A 129 -9.86 -20.45 -22.95
C GLY A 129 -10.94 -19.72 -22.17
N CYS A 130 -10.56 -19.03 -21.09
CA CYS A 130 -11.55 -18.29 -20.34
C CYS A 130 -12.24 -17.22 -21.20
N TYR A 131 -13.56 -17.12 -21.11
CA TYR A 131 -14.31 -16.09 -21.88
C TYR A 131 -14.26 -14.76 -21.09
N LYS A 132 -13.94 -14.87 -19.81
CA LYS A 132 -13.77 -13.65 -19.01
C LYS A 132 -12.90 -13.90 -17.81
N ILE A 133 -12.31 -12.86 -17.28
CA ILE A 133 -11.51 -13.01 -16.06
C ILE A 133 -11.99 -11.87 -15.17
N ILE A 134 -12.35 -12.20 -13.93
CA ILE A 134 -12.81 -11.19 -13.00
C ILE A 134 -12.00 -11.19 -11.70
N LEU A 135 -12.17 -10.15 -10.90
CA LEU A 135 -11.50 -10.02 -9.60
C LEU A 135 -12.30 -8.94 -8.85
N ASP A 136 -12.12 -8.90 -7.53
CA ASP A 136 -12.75 -7.87 -6.69
C ASP A 136 -11.61 -7.06 -6.06
N CYS A 137 -11.75 -5.75 -6.04
CA CYS A 137 -10.71 -4.90 -5.45
C CYS A 137 -11.35 -3.81 -4.60
N ASP A 138 -10.51 -3.15 -3.79
CA ASP A 138 -10.98 -2.06 -2.95
C ASP A 138 -11.13 -0.93 -3.88
N GLU A 139 -12.04 -0.02 -3.55
CA GLU A 139 -12.25 1.12 -4.44
C GLU A 139 -10.96 1.88 -4.75
N LYS A 140 -10.05 1.97 -3.80
CA LYS A 140 -8.84 2.72 -4.06
C LYS A 140 -7.87 2.07 -5.05
N ASN A 141 -8.13 0.83 -5.41
CA ASN A 141 -7.27 0.16 -6.38
C ASN A 141 -7.93 0.09 -7.75
N VAL A 142 -9.15 0.62 -7.90
CA VAL A 142 -9.78 0.56 -9.22
C VAL A 142 -8.93 1.16 -10.36
N LYS A 143 -8.33 2.33 -10.15
CA LYS A 143 -7.51 2.92 -11.23
C LYS A 143 -6.35 2.03 -11.67
N PHE A 144 -5.69 1.36 -10.74
CA PHE A 144 -4.61 0.46 -11.12
C PHE A 144 -5.21 -0.65 -12.01
N TYR A 145 -6.36 -1.20 -11.63
CA TYR A 145 -6.90 -2.30 -12.44
C TYR A 145 -7.37 -1.84 -13.82
N GLU A 146 -7.90 -0.62 -13.88
CA GLU A 146 -8.30 -0.06 -15.20
C GLU A 146 -7.03 0.06 -16.09
N LYS A 147 -5.90 0.41 -15.47
CA LYS A 147 -4.64 0.49 -16.24
C LYS A 147 -4.10 -0.91 -16.68
N CYS A 148 -4.64 -1.97 -16.06
CA CYS A 148 -4.32 -3.35 -16.47
C CYS A 148 -5.32 -3.81 -17.53
N GLY A 149 -6.30 -2.97 -17.87
CA GLY A 149 -7.24 -3.38 -18.92
C GLY A 149 -8.59 -3.85 -18.41
N PHE A 150 -8.79 -3.77 -17.09
CA PHE A 150 -10.07 -4.19 -16.51
C PHE A 150 -11.09 -3.03 -16.49
N SER A 151 -12.36 -3.37 -16.42
CA SER A 151 -13.39 -2.34 -16.34
C SER A 151 -14.35 -2.70 -15.20
N ASN A 152 -14.95 -1.67 -14.61
CA ASN A 152 -15.86 -1.82 -13.47
C ASN A 152 -17.09 -2.60 -13.95
N ALA A 153 -17.36 -3.77 -13.34
CA ALA A 153 -18.45 -4.64 -13.75
C ALA A 153 -19.56 -4.90 -12.73
N GLY A 154 -19.34 -4.47 -11.49
CA GLY A 154 -20.35 -4.75 -10.49
C GLY A 154 -19.83 -4.45 -9.12
N VAL A 155 -20.60 -4.90 -8.12
CA VAL A 155 -20.32 -4.73 -6.71
C VAL A 155 -20.04 -6.05 -6.05
N GLU A 156 -18.97 -6.11 -5.29
CA GLU A 156 -18.66 -7.31 -4.57
C GLU A 156 -19.39 -7.22 -3.24
N MET A 157 -20.14 -8.27 -2.96
CA MET A 157 -20.89 -8.41 -1.72
C MET A 157 -20.32 -9.57 -0.91
N GLN A 158 -20.20 -9.40 0.40
CA GLN A 158 -19.72 -10.49 1.20
C GLN A 158 -20.53 -10.75 2.48
N ILE A 159 -20.39 -11.96 2.99
CA ILE A 159 -20.99 -12.34 4.27
C ILE A 159 -19.92 -13.21 4.96
N ARG A 160 -19.58 -12.87 6.22
CA ARG A 160 -18.54 -13.60 6.95
C ARG A 160 -19.08 -14.44 8.08
N LYS A 161 -18.46 -15.60 8.30
CA LYS A 161 -18.90 -16.53 9.34
C LYS A 161 -18.82 -15.86 10.72
N LEU B 5 -12.25 22.45 1.82
CA LEU B 5 -11.93 21.24 0.97
C LEU B 5 -13.18 20.70 0.22
N PRO B 6 -13.10 19.48 -0.37
CA PRO B 6 -14.25 18.90 -1.05
C PRO B 6 -15.30 18.93 0.03
N ASP B 7 -16.53 18.55 -0.25
CA ASP B 7 -17.44 18.65 0.86
C ASP B 7 -17.47 17.45 1.75
N GLY B 8 -17.73 17.76 3.00
CA GLY B 8 -17.73 16.74 4.00
C GLY B 8 -16.37 16.72 4.68
N PHE B 9 -15.38 17.48 4.18
CA PHE B 9 -14.03 17.51 4.79
C PHE B 9 -13.50 18.91 5.04
N TYR B 10 -12.56 19.02 5.98
CA TYR B 10 -11.91 20.29 6.22
C TYR B 10 -10.48 20.02 6.67
N ILE B 11 -9.66 21.04 6.68
CA ILE B 11 -8.29 20.87 7.14
C ILE B 11 -8.02 21.89 8.27
N ARG B 12 -7.25 21.45 9.27
CA ARG B 12 -6.89 22.33 10.39
C ARG B 12 -5.57 21.88 10.99
N ARG B 13 -5.00 22.73 11.85
CA ARG B 13 -3.78 22.35 12.52
C ARG B 13 -4.13 21.21 13.48
N MET B 14 -3.16 20.33 13.67
CA MET B 14 -3.31 19.22 14.57
C MET B 14 -3.44 19.75 16.03
N GLU B 15 -4.24 19.07 16.85
CA GLU B 15 -4.42 19.46 18.26
C GLU B 15 -4.16 18.28 19.25
N GLU B 16 -4.02 18.60 20.54
CA GLU B 16 -3.81 17.54 21.55
C GLU B 16 -4.80 16.38 21.49
N GLY B 17 -6.06 16.67 21.20
CA GLY B 17 -7.04 15.60 21.18
C GLY B 17 -6.92 14.63 20.02
N ASP B 18 -6.05 14.93 19.05
CA ASP B 18 -5.90 14.09 17.86
C ASP B 18 -5.00 12.87 18.04
N LEU B 19 -4.44 12.68 19.22
CA LEU B 19 -3.51 11.55 19.42
C LEU B 19 -3.97 10.21 18.89
N GLU B 20 -5.14 9.77 19.32
CA GLU B 20 -5.55 8.45 18.90
C GLU B 20 -5.78 8.34 17.39
N GLN B 21 -6.45 9.33 16.82
CA GLN B 21 -6.75 9.20 15.41
C GLN B 21 -5.54 9.45 14.53
N VAL B 22 -4.64 10.30 15.02
CA VAL B 22 -3.42 10.53 14.26
C VAL B 22 -2.53 9.26 14.33
N THR B 23 -2.54 8.59 15.48
CA THR B 23 -1.77 7.36 15.59
C THR B 23 -2.27 6.33 14.58
N GLU B 24 -3.58 6.18 14.53
CA GLU B 24 -4.22 5.21 13.63
C GLU B 24 -3.89 5.52 12.18
N THR B 25 -3.91 6.80 11.84
CA THR B 25 -3.63 7.24 10.49
C THR B 25 -2.17 7.00 10.13
N LEU B 26 -1.25 7.41 10.98
CA LEU B 26 0.19 7.25 10.66
C LEU B 26 0.67 5.78 10.54
N LYS B 27 -0.10 4.85 11.10
CA LYS B 27 0.23 3.44 11.00
C LYS B 27 0.33 2.94 9.54
N VAL B 28 -0.29 3.64 8.57
CA VAL B 28 -0.15 3.18 7.18
C VAL B 28 1.24 3.52 6.68
N LEU B 29 1.89 4.49 7.31
CA LEU B 29 3.20 4.94 6.83
C LEU B 29 4.34 4.13 7.47
N THR B 30 4.32 4.02 8.78
CA THR B 30 5.39 3.31 9.48
C THR B 30 4.95 3.03 10.90
N THR B 31 5.87 2.54 11.70
CA THR B 31 5.60 2.22 13.09
C THR B 31 5.43 3.47 13.95
N VAL B 32 4.28 3.59 14.63
CA VAL B 32 4.09 4.74 15.53
C VAL B 32 4.36 4.33 16.97
N GLY B 33 3.79 3.21 17.40
CA GLY B 33 3.98 2.76 18.77
C GLY B 33 3.01 3.48 19.70
N THR B 34 3.28 3.40 20.99
CA THR B 34 2.44 4.02 22.02
C THR B 34 3.02 5.34 22.46
N ILE B 35 2.16 6.35 22.52
CA ILE B 35 2.55 7.72 22.95
C ILE B 35 1.58 8.12 24.05
N THR B 36 2.10 8.65 25.15
CA THR B 36 1.18 9.05 26.22
C THR B 36 0.54 10.43 25.94
N PRO B 37 -0.71 10.62 26.38
CA PRO B 37 -1.37 11.89 26.17
C PRO B 37 -0.53 13.04 26.70
N GLU B 38 0.07 12.86 27.87
CA GLU B 38 0.91 13.90 28.43
C GLU B 38 2.09 14.29 27.51
N SER B 39 2.76 13.31 26.92
CA SER B 39 3.87 13.63 26.08
C SER B 39 3.40 14.26 24.79
N PHE B 40 2.24 13.83 24.32
CA PHE B 40 1.71 14.39 23.07
C PHE B 40 1.35 15.86 23.27
N CYS B 41 0.74 16.14 24.41
CA CYS B 41 0.37 17.51 24.76
C CYS B 41 1.59 18.44 24.78
N LYS B 42 2.71 17.95 25.31
CA LYS B 42 3.98 18.70 25.37
C LYS B 42 4.54 18.90 23.94
N LEU B 43 4.40 17.89 23.10
CA LEU B 43 4.86 18.01 21.74
C LEU B 43 4.03 19.05 20.97
N ILE B 44 2.71 19.00 21.12
CA ILE B 44 1.86 19.95 20.42
C ILE B 44 2.16 21.36 20.89
N LYS B 45 2.38 21.51 22.19
CA LYS B 45 2.68 22.85 22.72
C LYS B 45 3.98 23.37 22.13
N TYR B 46 4.98 22.50 22.05
CA TYR B 46 6.25 22.87 21.47
C TYR B 46 6.02 23.24 20.01
N TRP B 47 5.25 22.43 19.27
CA TRP B 47 5.01 22.75 17.86
C TRP B 47 4.18 24.03 17.64
N ASN B 48 3.40 24.43 18.65
CA ASN B 48 2.56 25.62 18.54
C ASN B 48 3.33 26.87 18.97
N GLU B 49 4.52 26.67 19.53
CA GLU B 49 5.32 27.79 19.99
C GLU B 49 6.60 28.08 19.21
N ALA B 50 7.22 27.06 18.63
CA ALA B 50 8.47 27.23 17.88
C ALA B 50 8.33 28.15 16.68
N THR B 51 9.16 29.17 16.60
CA THR B 51 9.09 30.04 15.44
C THR B 51 10.45 30.12 14.79
N VAL B 52 10.46 30.54 13.52
CA VAL B 52 11.69 30.66 12.76
C VAL B 52 12.07 32.12 12.73
N TRP B 53 13.36 32.36 12.96
CA TRP B 53 13.89 33.71 12.95
C TRP B 53 13.61 34.38 11.61
N ASN B 54 13.12 35.61 11.66
CA ASN B 54 12.82 36.34 10.43
C ASN B 54 13.54 37.69 10.55
N ASP B 55 14.46 37.95 9.63
CA ASP B 55 15.29 39.16 9.63
C ASP B 55 14.67 40.42 10.22
N LYS B 59 7.04 39.43 10.20
CA LYS B 59 6.50 38.16 9.69
C LYS B 59 6.85 36.99 10.61
N LYS B 60 5.83 36.43 11.24
CA LYS B 60 5.99 35.34 12.17
C LYS B 60 5.84 34.03 11.41
N ILE B 61 6.82 33.15 11.59
CA ILE B 61 6.82 31.87 10.88
C ILE B 61 6.78 30.71 11.86
N MET B 62 5.75 29.88 11.78
CA MET B 62 5.69 28.69 12.64
C MET B 62 6.59 27.67 12.00
N GLN B 63 7.55 27.20 12.76
CA GLN B 63 8.46 26.25 12.21
C GLN B 63 7.76 24.92 11.85
N TYR B 64 6.82 24.49 12.71
CA TYR B 64 6.11 23.22 12.53
C TYR B 64 4.68 23.49 12.16
N ASN B 65 4.16 22.74 11.19
CA ASN B 65 2.81 22.98 10.71
C ASN B 65 2.11 21.65 10.47
N PRO B 66 1.79 20.91 11.53
CA PRO B 66 1.11 19.61 11.50
C PRO B 66 -0.35 19.86 11.17
N MET B 67 -0.79 19.24 10.09
CA MET B 67 -2.13 19.44 9.65
C MET B 67 -2.93 18.12 9.64
N VAL B 68 -4.25 18.21 9.83
CA VAL B 68 -5.08 17.01 9.66
C VAL B 68 -6.25 17.38 8.72
N ILE B 69 -6.62 16.45 7.85
CA ILE B 69 -7.84 16.64 7.03
C ILE B 69 -8.84 15.72 7.76
N VAL B 70 -10.01 16.28 8.07
CA VAL B 70 -11.05 15.62 8.89
C VAL B 70 -12.35 15.43 8.09
N ASP B 71 -12.92 14.22 8.21
CA ASP B 71 -14.18 13.79 7.58
C ASP B 71 -15.23 14.36 8.55
N LYS B 72 -15.98 15.36 8.13
CA LYS B 72 -16.96 15.98 9.03
C LYS B 72 -18.10 15.10 9.50
N ARG B 73 -18.34 14.00 8.80
CA ARG B 73 -19.44 13.16 9.21
C ARG B 73 -19.34 12.60 10.63
N THR B 74 -18.13 12.24 11.03
CA THR B 74 -17.87 11.68 12.32
C THR B 74 -16.69 12.36 13.02
N GLU B 75 -16.21 13.46 12.45
CA GLU B 75 -15.04 14.18 12.96
C GLU B 75 -13.90 13.14 13.10
N THR B 76 -13.64 12.45 12.00
CA THR B 76 -12.56 11.46 11.96
C THR B 76 -11.36 12.00 11.17
N VAL B 77 -10.15 11.83 11.69
CA VAL B 77 -8.98 12.30 10.91
C VAL B 77 -8.82 11.35 9.72
N ALA B 78 -8.84 11.89 8.52
CA ALA B 78 -8.71 11.09 7.30
C ALA B 78 -7.26 11.14 6.75
N ALA B 79 -6.52 12.20 7.08
CA ALA B 79 -5.13 12.28 6.55
C ALA B 79 -4.35 13.24 7.41
N THR B 80 -3.02 13.11 7.42
CA THR B 80 -2.21 14.04 8.20
C THR B 80 -0.88 14.26 7.46
N GLY B 81 -0.28 15.43 7.66
CA GLY B 81 1.00 15.76 7.04
C GLY B 81 1.57 16.94 7.78
N ASN B 82 2.87 17.15 7.70
CA ASN B 82 3.48 18.25 8.44
C ASN B 82 4.49 18.92 7.49
N ILE B 83 4.57 20.25 7.53
CA ILE B 83 5.62 20.89 6.73
C ILE B 83 6.43 21.67 7.76
N ILE B 84 7.74 21.41 7.79
CA ILE B 84 8.64 22.06 8.73
C ILE B 84 9.48 23.07 7.96
N ILE B 85 9.62 24.28 8.52
CA ILE B 85 10.34 25.38 7.86
C ILE B 85 11.74 25.53 8.46
N GLU B 86 12.75 25.51 7.60
CA GLU B 86 14.18 25.56 8.02
C GLU B 86 14.81 26.85 7.48
N ARG B 87 15.53 27.60 8.33
CA ARG B 87 16.22 28.78 7.84
C ARG B 87 17.63 28.29 7.44
N LYS B 88 18.10 28.68 6.27
CA LYS B 88 19.43 28.27 5.82
C LYS B 88 20.27 29.53 5.65
N ILE B 89 21.52 29.35 5.26
CA ILE B 89 22.40 30.50 4.99
C ILE B 89 22.34 30.67 3.46
N ILE B 90 22.37 29.55 2.74
CA ILE B 90 22.32 29.64 1.29
C ILE B 90 21.03 30.32 0.78
N HIS B 91 21.08 30.80 -0.47
CA HIS B 91 19.94 31.47 -1.13
C HIS B 91 19.52 32.68 -0.31
N GLU B 92 20.53 33.46 0.07
CA GLU B 92 20.36 34.68 0.88
C GLU B 92 19.52 34.52 2.11
N LEU B 93 19.99 33.60 2.95
CA LEU B 93 19.34 33.25 4.20
C LEU B 93 17.95 32.77 3.82
N GLY B 94 17.89 31.84 2.87
CA GLY B 94 16.61 31.34 2.42
C GLY B 94 15.87 30.42 3.39
N LEU B 95 14.59 30.17 3.06
CA LEU B 95 13.75 29.27 3.81
C LEU B 95 13.45 28.03 2.94
N CYS B 96 13.64 26.85 3.52
CA CYS B 96 13.40 25.61 2.81
C CYS B 96 12.30 24.84 3.60
N GLY B 97 11.29 24.34 2.90
CA GLY B 97 10.23 23.61 3.56
C GLY B 97 10.52 22.12 3.43
N HIS B 98 10.15 21.36 4.46
CA HIS B 98 10.39 19.92 4.47
C HIS B 98 9.04 19.24 4.80
N ILE B 99 8.45 18.50 3.87
CA ILE B 99 7.17 17.85 4.16
C ILE B 99 7.49 16.49 4.77
N GLU B 100 6.89 16.24 5.92
CA GLU B 100 7.14 15.00 6.67
C GLU B 100 5.87 14.30 7.07
N ASP B 101 6.01 13.01 7.25
CA ASP B 101 4.96 12.20 7.79
C ASP B 101 3.58 12.33 7.27
N ILE B 102 3.53 12.05 5.99
CA ILE B 102 2.32 12.09 5.24
C ILE B 102 1.63 10.74 5.33
N ALA B 103 0.34 10.74 5.65
CA ALA B 103 -0.36 9.49 5.68
C ALA B 103 -1.84 9.78 5.47
N VAL B 104 -2.46 8.94 4.65
CA VAL B 104 -3.91 9.03 4.45
C VAL B 104 -4.43 7.75 5.06
N ASN B 105 -5.41 7.90 5.96
CA ASN B 105 -5.98 6.77 6.64
C ASN B 105 -6.38 5.73 5.56
N SER B 106 -6.16 4.46 5.82
CA SER B 106 -6.43 3.45 4.79
C SER B 106 -7.82 3.47 4.18
N LYS B 107 -8.82 3.75 4.98
CA LYS B 107 -10.18 3.76 4.49
C LYS B 107 -10.48 4.94 3.58
N TYR B 108 -9.63 5.97 3.64
CA TYR B 108 -9.83 7.16 2.85
C TYR B 108 -8.91 7.34 1.65
N GLN B 109 -8.05 6.37 1.39
CA GLN B 109 -7.10 6.49 0.27
C GLN B 109 -7.76 6.44 -1.10
N GLY B 110 -7.10 7.01 -2.10
CA GLY B 110 -7.60 6.98 -3.47
C GLY B 110 -8.82 7.85 -3.78
N GLN B 111 -9.07 8.88 -2.97
CA GLN B 111 -10.21 9.79 -3.20
C GLN B 111 -9.75 11.23 -3.37
N GLY B 112 -8.46 11.45 -3.61
CA GLY B 112 -7.95 12.79 -3.81
C GLY B 112 -7.55 13.54 -2.54
N LEU B 113 -7.72 12.94 -1.36
CA LEU B 113 -7.36 13.65 -0.12
C LEU B 113 -5.86 13.85 0.06
N GLY B 114 -5.06 12.88 -0.39
CA GLY B 114 -3.61 13.06 -0.28
C GLY B 114 -3.15 14.27 -1.08
N LYS B 115 -3.61 14.38 -2.33
CA LYS B 115 -3.23 15.54 -3.14
C LYS B 115 -3.69 16.85 -2.53
N LEU B 116 -4.91 16.86 -2.00
CA LEU B 116 -5.41 18.06 -1.35
C LEU B 116 -4.51 18.45 -0.15
N LEU B 117 -4.11 17.45 0.63
CA LEU B 117 -3.28 17.70 1.81
C LEU B 117 -1.94 18.28 1.35
N ILE B 118 -1.31 17.61 0.38
CA ILE B 118 0.00 18.09 -0.11
C ILE B 118 -0.14 19.51 -0.71
N ASP B 119 -1.18 19.75 -1.50
CA ASP B 119 -1.40 21.10 -2.02
C ASP B 119 -1.50 22.17 -0.91
N GLN B 120 -2.19 21.85 0.18
CA GLN B 120 -2.32 22.80 1.28
C GLN B 120 -0.96 23.01 1.97
N LEU B 121 -0.20 21.94 2.16
CA LEU B 121 1.10 22.07 2.84
C LEU B 121 2.07 22.92 1.98
N VAL B 122 2.01 22.71 0.67
CA VAL B 122 2.83 23.47 -0.28
C VAL B 122 2.44 24.94 -0.21
N THR B 123 1.15 25.22 -0.16
CA THR B 123 0.74 26.63 -0.04
C THR B 123 1.27 27.28 1.24
N ILE B 124 1.20 26.57 2.36
CA ILE B 124 1.70 27.12 3.60
C ILE B 124 3.18 27.41 3.46
N GLY B 125 3.95 26.49 2.86
CA GLY B 125 5.38 26.73 2.75
C GLY B 125 5.72 27.94 1.86
N PHE B 126 5.14 28.00 0.69
CA PHE B 126 5.44 29.10 -0.19
C PHE B 126 4.92 30.43 0.33
N ASP B 127 3.80 30.39 1.06
CA ASP B 127 3.32 31.64 1.66
C ASP B 127 4.30 32.10 2.72
N TYR B 128 5.00 31.19 3.38
CA TYR B 128 5.98 31.63 4.36
C TYR B 128 7.23 32.15 3.69
N GLY B 129 7.37 31.95 2.40
CA GLY B 129 8.54 32.42 1.68
C GLY B 129 9.60 31.38 1.31
N CYS B 130 9.27 30.09 1.42
CA CYS B 130 10.24 29.05 1.06
C CYS B 130 10.63 29.15 -0.43
N TYR B 131 11.91 28.97 -0.74
CA TYR B 131 12.33 29.04 -2.16
C TYR B 131 12.09 27.66 -2.78
N LYS B 132 11.99 26.62 -1.93
CA LYS B 132 11.64 25.30 -2.45
C LYS B 132 11.06 24.51 -1.28
N ILE B 133 10.43 23.39 -1.61
CA ILE B 133 9.89 22.52 -0.61
C ILE B 133 10.30 21.13 -1.04
N ILE B 134 10.85 20.36 -0.12
CA ILE B 134 11.26 19.00 -0.48
C ILE B 134 10.66 17.96 0.45
N LEU B 135 10.75 16.70 0.05
CA LEU B 135 10.27 15.62 0.90
C LEU B 135 10.95 14.36 0.37
N ASP B 136 10.98 13.30 1.19
CA ASP B 136 11.54 12.03 0.75
C ASP B 136 10.37 11.04 0.72
N CYS B 137 10.40 10.14 -0.24
CA CYS B 137 9.35 9.16 -0.35
C CYS B 137 9.92 7.86 -0.85
N ASP B 138 9.17 6.79 -0.60
CA ASP B 138 9.51 5.48 -1.13
C ASP B 138 9.19 5.51 -2.62
N GLU B 139 9.88 4.66 -3.37
CA GLU B 139 9.64 4.56 -4.80
C GLU B 139 8.18 4.38 -5.10
N LYS B 140 7.49 3.63 -4.26
CA LYS B 140 6.11 3.35 -4.52
C LYS B 140 5.25 4.59 -4.67
N ASN B 141 5.64 5.68 -4.02
CA ASN B 141 4.87 6.90 -4.05
C ASN B 141 5.36 8.01 -4.97
N VAL B 142 6.45 7.79 -5.70
CA VAL B 142 6.91 8.83 -6.60
C VAL B 142 5.84 9.40 -7.55
N LYS B 143 5.08 8.54 -8.20
CA LYS B 143 4.09 9.03 -9.16
C LYS B 143 2.98 9.86 -8.49
N PHE B 144 2.65 9.54 -7.25
CA PHE B 144 1.68 10.32 -6.51
C PHE B 144 2.28 11.71 -6.33
N TYR B 145 3.53 11.80 -5.85
CA TYR B 145 4.08 13.16 -5.69
C TYR B 145 4.24 13.90 -7.03
N GLU B 146 4.55 13.16 -8.11
CA GLU B 146 4.60 13.83 -9.41
C GLU B 146 3.22 14.42 -9.74
N LYS B 147 2.15 13.70 -9.41
CA LYS B 147 0.79 14.23 -9.67
C LYS B 147 0.51 15.47 -8.80
N CYS B 148 1.26 15.63 -7.71
CA CYS B 148 1.15 16.82 -6.85
C CYS B 148 2.10 17.96 -7.31
N GLY B 149 2.77 17.79 -8.44
CA GLY B 149 3.66 18.83 -8.91
C GLY B 149 5.12 18.70 -8.53
N PHE B 150 5.51 17.61 -7.83
CA PHE B 150 6.93 17.47 -7.44
C PHE B 150 7.74 16.75 -8.53
N SER B 151 9.06 16.93 -8.49
CA SER B 151 9.91 16.21 -9.43
C SER B 151 11.07 15.56 -8.67
N ASN B 152 11.64 14.52 -9.27
CA ASN B 152 12.76 13.85 -8.66
C ASN B 152 13.91 14.86 -8.48
N ALA B 153 14.48 14.92 -7.28
CA ALA B 153 15.57 15.86 -7.01
C ALA B 153 16.81 15.21 -6.40
N GLY B 154 16.73 13.94 -6.07
CA GLY B 154 17.88 13.32 -5.43
C GLY B 154 17.57 12.00 -4.79
N VAL B 155 18.55 11.50 -4.07
CA VAL B 155 18.38 10.24 -3.40
C VAL B 155 18.41 10.45 -1.91
N GLU B 156 17.48 9.82 -1.22
CA GLU B 156 17.46 9.93 0.23
C GLU B 156 18.41 8.86 0.82
N MET B 157 19.38 9.25 1.66
CA MET B 157 20.27 8.27 2.33
C MET B 157 20.01 8.29 3.84
N GLN B 158 20.20 7.16 4.52
CA GLN B 158 19.95 7.12 5.93
C GLN B 158 20.93 6.23 6.68
N ILE B 159 21.14 6.58 7.94
CA ILE B 159 21.97 5.77 8.80
C ILE B 159 21.19 5.61 10.11
N ARG B 160 21.14 4.37 10.62
CA ARG B 160 20.39 4.06 11.86
C ARG B 160 21.29 3.81 13.06
N LYS B 161 20.79 4.14 14.25
CA LYS B 161 21.59 4.02 15.47
C LYS B 161 22.05 2.62 15.80
N SER C 2 35.50 23.37 21.34
CA SER C 2 35.83 22.79 20.01
C SER C 2 36.57 21.46 20.16
N MET C 3 36.56 20.64 19.12
CA MET C 3 37.24 19.34 19.16
C MET C 3 38.28 19.17 18.07
N SER C 4 39.49 18.74 18.45
CA SER C 4 40.54 18.53 17.45
C SER C 4 40.27 17.31 16.59
N LEU C 5 40.73 17.37 15.36
CA LEU C 5 40.57 16.28 14.42
C LEU C 5 41.94 15.99 13.81
N PRO C 6 42.09 14.86 13.08
CA PRO C 6 43.37 14.50 12.47
C PRO C 6 43.87 15.49 11.44
N ASP C 7 45.18 15.50 11.28
CA ASP C 7 45.83 16.31 10.27
C ASP C 7 45.68 17.81 10.34
N GLY C 8 45.60 18.33 11.54
CA GLY C 8 45.58 19.76 11.69
C GLY C 8 44.31 20.53 11.52
N PHE C 9 43.18 19.86 11.78
CA PHE C 9 41.88 20.46 11.69
C PHE C 9 41.20 20.37 13.09
N TYR C 10 40.19 21.19 13.31
CA TYR C 10 39.37 21.12 14.51
C TYR C 10 37.95 21.44 14.02
N ILE C 11 36.94 21.04 14.80
CA ILE C 11 35.55 21.31 14.46
C ILE C 11 34.93 22.09 15.63
N ARG C 12 34.04 23.03 15.32
CA ARG C 12 33.35 23.82 16.32
C ARG C 12 32.05 24.34 15.73
N ARG C 13 31.16 24.83 16.58
CA ARG C 13 29.91 25.37 16.06
C ARG C 13 30.26 26.65 15.33
N MET C 14 29.45 27.01 14.36
CA MET C 14 29.65 28.22 13.59
C MET C 14 29.47 29.42 14.55
N GLU C 15 30.24 30.49 14.32
CA GLU C 15 30.12 31.69 15.17
C GLU C 15 29.84 32.91 14.31
N GLU C 16 29.42 34.00 14.95
CA GLU C 16 29.14 35.23 14.25
C GLU C 16 30.23 35.70 13.26
N GLY C 17 31.49 35.60 13.64
CA GLY C 17 32.53 36.07 12.74
C GLY C 17 32.93 35.20 11.56
N ASP C 18 32.22 34.09 11.33
CA ASP C 18 32.58 33.17 10.24
C ASP C 18 31.89 33.50 8.90
N LEU C 19 31.07 34.54 8.89
CA LEU C 19 30.32 34.83 7.67
C LEU C 19 31.07 34.72 6.34
N GLU C 20 32.16 35.48 6.22
CA GLU C 20 32.94 35.51 4.98
C GLU C 20 33.50 34.16 4.61
N GLN C 21 34.11 33.54 5.61
CA GLN C 21 34.70 32.23 5.39
C GLN C 21 33.66 31.17 5.09
N VAL C 22 32.53 31.22 5.81
CA VAL C 22 31.49 30.24 5.55
C VAL C 22 30.89 30.52 4.18
N THR C 23 30.74 31.79 3.81
CA THR C 23 30.20 32.09 2.46
C THR C 23 31.13 31.50 1.38
N GLU C 24 32.44 31.72 1.56
CA GLU C 24 33.44 31.21 0.61
C GLU C 24 33.33 29.71 0.46
N THR C 25 33.02 29.01 1.55
CA THR C 25 32.88 27.57 1.49
C THR C 25 31.55 27.12 0.88
N LEU C 26 30.45 27.73 1.32
CA LEU C 26 29.12 27.35 0.82
C LEU C 26 28.93 27.65 -0.68
N LYS C 27 29.69 28.61 -1.21
CA LYS C 27 29.65 28.95 -2.63
C LYS C 27 29.80 27.68 -3.50
N VAL C 28 30.51 26.66 -3.02
CA VAL C 28 30.69 25.47 -3.86
C VAL C 28 29.39 24.70 -3.96
N LEU C 29 28.53 24.89 -2.97
CA LEU C 29 27.28 24.14 -2.99
C LEU C 29 26.22 24.86 -3.81
N THR C 30 25.95 26.11 -3.46
CA THR C 30 24.95 26.87 -4.17
C THR C 30 25.20 28.33 -3.90
N THR C 31 24.40 29.16 -4.51
CA THR C 31 24.52 30.60 -4.35
C THR C 31 24.15 31.00 -2.93
N VAL C 32 24.95 31.91 -2.38
CA VAL C 32 24.73 32.42 -1.04
C VAL C 32 24.13 33.81 -1.20
N GLY C 33 24.76 34.62 -2.05
CA GLY C 33 24.27 35.96 -2.29
C GLY C 33 24.71 36.97 -1.24
N THR C 34 23.99 38.07 -1.17
CA THR C 34 24.26 39.19 -0.25
C THR C 34 23.74 38.90 1.17
N ILE C 35 24.59 39.09 2.17
CA ILE C 35 24.21 38.85 3.55
C ILE C 35 24.92 39.83 4.50
N THR C 36 24.17 40.61 5.28
CA THR C 36 24.80 41.55 6.20
C THR C 36 25.31 40.87 7.44
N PRO C 37 26.40 41.41 8.00
CA PRO C 37 26.92 40.78 9.21
C PRO C 37 25.82 40.79 10.28
N GLU C 38 25.04 41.86 10.27
CA GLU C 38 23.95 42.03 11.21
C GLU C 38 22.91 40.88 11.12
N SER C 39 22.52 40.52 9.90
CA SER C 39 21.56 39.43 9.66
C SER C 39 22.16 38.10 10.09
N PHE C 40 23.42 37.91 9.72
CA PHE C 40 24.10 36.67 10.05
C PHE C 40 24.20 36.55 11.55
N CYS C 41 24.45 37.65 12.22
CA CYS C 41 24.59 37.60 13.66
C CYS C 41 23.31 37.14 14.34
N LYS C 42 22.18 37.60 13.82
CA LYS C 42 20.89 37.24 14.40
C LYS C 42 20.58 35.79 14.07
N LEU C 43 21.08 35.31 12.93
CA LEU C 43 20.85 33.92 12.56
C LEU C 43 21.59 33.00 13.52
N ILE C 44 22.87 33.28 13.76
CA ILE C 44 23.65 32.46 14.68
C ILE C 44 22.95 32.42 16.06
N LYS C 45 22.45 33.58 16.49
CA LYS C 45 21.73 33.71 17.76
C LYS C 45 20.54 32.73 17.78
N TYR C 46 19.76 32.77 16.71
CA TYR C 46 18.61 31.91 16.56
C TYR C 46 19.05 30.44 16.61
N TRP C 47 20.10 30.12 15.86
CA TRP C 47 20.61 28.75 15.82
C TRP C 47 21.16 28.30 17.16
N ASN C 48 21.68 29.23 17.93
CA ASN C 48 22.23 28.88 19.21
C ASN C 48 21.20 28.82 20.32
N GLU C 49 20.00 29.34 20.08
CA GLU C 49 18.99 29.33 21.14
C GLU C 49 17.90 28.30 20.96
N ALA C 50 17.67 27.87 19.74
CA ALA C 50 16.64 26.86 19.49
C ALA C 50 16.96 25.52 20.15
N THR C 51 16.33 25.22 21.27
CA THR C 51 16.58 23.92 21.90
C THR C 51 15.34 23.10 21.57
N VAL C 52 15.51 21.80 21.35
CA VAL C 52 14.37 20.94 21.00
C VAL C 52 13.64 20.49 22.25
N TRP C 53 12.37 20.13 22.06
CA TRP C 53 11.50 19.66 23.13
C TRP C 53 12.02 18.39 23.81
N ASN C 54 12.37 18.51 25.10
CA ASN C 54 12.91 17.38 25.86
C ASN C 54 12.49 17.39 27.32
N LYS C 60 18.98 19.20 27.56
CA LYS C 60 19.01 20.19 26.49
C LYS C 60 19.67 19.66 25.21
N ILE C 61 18.90 19.71 24.12
CA ILE C 61 19.34 19.29 22.81
C ILE C 61 19.30 20.53 21.92
N MET C 62 20.37 20.78 21.18
CA MET C 62 20.37 21.93 20.28
C MET C 62 19.67 21.44 19.00
N GLN C 63 18.63 22.15 18.55
CA GLN C 63 17.94 21.73 17.34
C GLN C 63 18.81 21.93 16.09
N TYR C 64 19.60 23.01 16.09
CA TYR C 64 20.48 23.29 14.95
C TYR C 64 21.93 23.09 15.41
N ASN C 65 22.77 22.51 14.53
CA ASN C 65 24.16 22.19 14.85
C ASN C 65 24.98 22.49 13.61
N PRO C 66 25.11 23.78 13.30
CA PRO C 66 25.84 24.28 12.14
C PRO C 66 27.32 24.26 12.53
N MET C 67 28.04 23.35 11.92
CA MET C 67 29.43 23.16 12.27
C MET C 67 30.39 23.61 11.18
N VAL C 68 31.58 23.99 11.60
CA VAL C 68 32.65 24.32 10.66
C VAL C 68 33.89 23.53 11.07
N ILE C 69 34.63 23.04 10.08
CA ILE C 69 35.90 22.36 10.32
C ILE C 69 36.90 23.46 9.89
N VAL C 70 37.79 23.81 10.81
CA VAL C 70 38.78 24.86 10.61
C VAL C 70 40.15 24.25 10.46
N ASP C 71 40.88 24.77 9.49
CA ASP C 71 42.26 24.36 9.21
C ASP C 71 43.13 25.18 10.15
N LYS C 72 43.86 24.51 11.04
CA LYS C 72 44.71 25.20 12.03
C LYS C 72 45.91 25.90 11.39
N ARG C 73 46.26 25.46 10.20
CA ARG C 73 47.39 26.05 9.49
C ARG C 73 47.14 27.49 9.10
N THR C 74 45.88 27.78 8.79
CA THR C 74 45.49 29.07 8.29
C THR C 74 44.32 29.73 9.04
N GLU C 75 43.76 29.04 10.03
CA GLU C 75 42.57 29.52 10.74
C GLU C 75 41.49 29.88 9.74
N THR C 76 41.34 29.01 8.75
CA THR C 76 40.39 29.16 7.67
C THR C 76 39.35 28.04 7.66
N VAL C 77 38.10 28.36 7.37
CA VAL C 77 37.05 27.34 7.36
C VAL C 77 37.27 26.50 6.15
N ALA C 78 37.44 25.21 6.37
CA ALA C 78 37.69 24.31 5.27
C ALA C 78 36.45 23.57 4.88
N ALA C 79 35.49 23.44 5.79
CA ALA C 79 34.27 22.70 5.42
C ALA C 79 33.16 23.07 6.39
N THR C 80 31.92 22.83 5.99
CA THR C 80 30.81 23.16 6.88
C THR C 80 29.67 22.20 6.59
N GLY C 81 28.86 21.92 7.62
CA GLY C 81 27.72 21.02 7.48
C GLY C 81 26.83 21.27 8.68
N ASN C 82 25.56 20.94 8.56
CA ASN C 82 24.66 21.20 9.67
C ASN C 82 23.86 19.92 9.92
N ILE C 83 23.47 19.70 11.17
CA ILE C 83 22.58 18.57 11.45
C ILE C 83 21.48 19.18 12.30
N ILE C 84 20.25 19.00 11.82
CA ILE C 84 19.06 19.53 12.45
C ILE C 84 18.32 18.35 13.11
N ILE C 85 17.97 18.51 14.39
CA ILE C 85 17.28 17.46 15.14
C ILE C 85 15.77 17.82 15.14
N GLU C 86 14.93 16.92 14.62
CA GLU C 86 13.47 17.13 14.45
C GLU C 86 12.79 16.12 15.34
N ARG C 87 11.79 16.53 16.13
CA ARG C 87 11.07 15.54 16.94
C ARG C 87 9.86 15.20 16.03
N LYS C 88 9.57 13.93 15.87
CA LYS C 88 8.41 13.50 15.07
C LYS C 88 7.42 12.81 15.98
N ILE C 89 6.28 12.40 15.39
CA ILE C 89 5.32 11.63 16.17
C ILE C 89 5.67 10.13 16.02
N ILE C 90 6.05 9.72 14.81
CA ILE C 90 6.37 8.32 14.56
C ILE C 90 7.52 7.82 15.46
N HIS C 91 7.64 6.50 15.57
CA HIS C 91 8.66 5.89 16.41
C HIS C 91 8.63 6.42 17.84
N GLU C 92 7.42 6.54 18.37
CA GLU C 92 7.22 7.00 19.76
C GLU C 92 7.94 8.29 20.09
N LEU C 93 7.62 9.31 19.30
CA LEU C 93 8.15 10.66 19.40
C LEU C 93 9.65 10.60 19.19
N GLY C 94 10.06 9.78 18.24
CA GLY C 94 11.48 9.64 17.96
C GLY C 94 12.11 10.93 17.45
N LEU C 95 13.42 11.05 17.65
CA LEU C 95 14.22 12.22 17.18
C LEU C 95 14.86 11.80 15.88
N CYS C 96 14.72 12.61 14.85
CA CYS C 96 15.29 12.27 13.57
C CYS C 96 16.27 13.36 13.19
N GLY C 97 17.48 12.96 12.81
CA GLY C 97 18.48 13.95 12.40
C GLY C 97 18.46 14.17 10.90
N HIS C 98 18.68 15.41 10.46
CA HIS C 98 18.69 15.75 9.04
C HIS C 98 20.00 16.46 8.77
N ILE C 99 20.86 15.86 7.95
CA ILE C 99 22.15 16.51 7.62
C ILE C 99 21.90 17.39 6.38
N GLU C 100 22.36 18.63 6.42
CA GLU C 100 22.10 19.57 5.31
C GLU C 100 23.31 20.42 5.00
N ASP C 101 23.29 21.01 3.82
CA ASP C 101 24.29 21.99 3.44
C ASP C 101 25.73 21.60 3.67
N ILE C 102 26.08 20.43 3.16
CA ILE C 102 27.44 19.93 3.27
C ILE C 102 28.27 20.62 2.20
N ALA C 103 29.36 21.28 2.58
CA ALA C 103 30.19 21.91 1.57
C ALA C 103 31.66 21.87 2.01
N VAL C 104 32.50 21.37 1.12
CA VAL C 104 33.94 21.34 1.41
C VAL C 104 34.58 22.41 0.52
N ASN C 105 35.30 23.34 1.12
CA ASN C 105 35.95 24.46 0.41
C ASN C 105 36.77 23.86 -0.75
N SER C 106 36.74 24.53 -1.90
CA SER C 106 37.40 23.96 -3.07
C SER C 106 38.88 23.71 -2.94
N LYS C 107 39.56 24.41 -2.05
CA LYS C 107 41.00 24.17 -1.85
C LYS C 107 41.25 22.93 -1.02
N TYR C 108 40.20 22.34 -0.45
CA TYR C 108 40.38 21.19 0.41
C TYR C 108 39.70 19.94 -0.03
N GLN C 109 39.32 19.85 -1.30
CA GLN C 109 38.65 18.65 -1.71
C GLN C 109 39.66 17.54 -2.02
N GLY C 110 39.20 16.29 -2.00
CA GLY C 110 40.06 15.15 -2.28
C GLY C 110 40.88 14.64 -1.10
N GLN C 111 40.76 15.24 0.08
CA GLN C 111 41.55 14.76 1.21
C GLN C 111 40.78 14.21 2.40
N GLY C 112 39.56 13.74 2.15
CA GLY C 112 38.79 13.13 3.24
C GLY C 112 38.04 14.01 4.23
N LEU C 113 37.99 15.31 4.00
CA LEU C 113 37.28 16.20 4.93
C LEU C 113 35.78 15.96 4.90
N GLY C 114 35.26 15.59 3.73
CA GLY C 114 33.84 15.31 3.64
C GLY C 114 33.45 14.17 4.58
N LYS C 115 34.17 13.07 4.49
CA LYS C 115 33.86 11.97 5.41
C LYS C 115 34.08 12.37 6.89
N LEU C 116 35.13 13.13 7.20
CA LEU C 116 35.31 13.54 8.59
C LEU C 116 34.11 14.38 9.07
N LEU C 117 33.65 15.27 8.21
CA LEU C 117 32.53 16.14 8.58
C LEU C 117 31.27 15.31 8.82
N ILE C 118 30.98 14.42 7.90
CA ILE C 118 29.78 13.59 7.99
C ILE C 118 29.90 12.72 9.24
N ASP C 119 31.08 12.12 9.46
CA ASP C 119 31.25 11.31 10.67
C ASP C 119 31.00 12.11 11.94
N GLN C 120 31.44 13.38 11.96
CA GLN C 120 31.20 14.20 13.13
C GLN C 120 29.71 14.54 13.29
N LEU C 121 29.04 14.87 12.19
CA LEU C 121 27.61 15.22 12.30
C LEU C 121 26.79 14.01 12.77
N VAL C 122 27.16 12.84 12.28
CA VAL C 122 26.48 11.59 12.69
C VAL C 122 26.68 11.38 14.20
N THR C 123 27.92 11.61 14.66
CA THR C 123 28.26 11.48 16.08
C THR C 123 27.34 12.40 16.93
N ILE C 124 27.25 13.64 16.53
CA ILE C 124 26.39 14.61 17.22
C ILE C 124 24.91 14.15 17.24
N GLY C 125 24.44 13.69 16.08
CA GLY C 125 23.04 13.28 16.01
C GLY C 125 22.76 12.09 16.92
N PHE C 126 23.61 11.08 16.84
CA PHE C 126 23.36 9.92 17.69
C PHE C 126 23.58 10.22 19.16
N ASP C 127 24.54 11.06 19.47
CA ASP C 127 24.75 11.39 20.85
C ASP C 127 23.57 12.16 21.42
N TYR C 128 22.80 12.82 20.55
CA TYR C 128 21.60 13.53 20.98
C TYR C 128 20.42 12.56 21.04
N GLY C 129 20.63 11.32 20.59
CA GLY C 129 19.53 10.38 20.66
C GLY C 129 18.68 10.11 19.43
N CYS C 130 19.14 10.55 18.26
CA CYS C 130 18.39 10.27 17.04
C CYS C 130 18.29 8.75 16.76
N TYR C 131 17.11 8.29 16.32
CA TYR C 131 16.92 6.87 15.98
C TYR C 131 17.52 6.64 14.58
N LYS C 132 17.57 7.70 13.79
CA LYS C 132 18.12 7.62 12.45
C LYS C 132 18.56 9.04 12.03
N ILE C 133 19.43 9.11 11.02
CA ILE C 133 19.87 10.40 10.52
C ILE C 133 19.76 10.24 9.03
N ILE C 134 19.12 11.23 8.39
CA ILE C 134 18.94 11.16 6.95
C ILE C 134 19.54 12.39 6.22
N LEU C 135 19.76 12.24 4.93
CA LEU C 135 20.23 13.36 4.09
C LEU C 135 19.87 13.04 2.67
N ASP C 136 19.85 14.07 1.84
CA ASP C 136 19.57 13.88 0.41
C ASP C 136 20.82 14.23 -0.39
N CYS C 137 21.08 13.48 -1.45
CA CYS C 137 22.26 13.73 -2.27
C CYS C 137 22.01 13.49 -3.74
N ASP C 138 22.93 13.96 -4.58
CA ASP C 138 22.83 13.69 -6.01
C ASP C 138 23.22 12.23 -6.19
N GLU C 139 22.70 11.67 -7.26
CA GLU C 139 22.99 10.30 -7.62
C GLU C 139 24.51 10.00 -7.59
N LYS C 140 25.29 10.90 -8.16
CA LYS C 140 26.74 10.71 -8.23
C LYS C 140 27.47 10.66 -6.89
N ASN C 141 26.81 11.05 -5.80
CA ASN C 141 27.45 11.03 -4.49
C ASN C 141 26.96 9.89 -3.63
N VAL C 142 26.07 9.08 -4.17
CA VAL C 142 25.56 7.96 -3.41
C VAL C 142 26.67 7.07 -2.88
N LYS C 143 27.66 6.74 -3.70
CA LYS C 143 28.73 5.85 -3.24
C LYS C 143 29.52 6.39 -2.07
N PHE C 144 29.83 7.68 -2.15
CA PHE C 144 30.54 8.39 -1.08
C PHE C 144 29.78 8.25 0.23
N TYR C 145 28.47 8.53 0.21
CA TYR C 145 27.71 8.41 1.45
C TYR C 145 27.66 6.97 1.92
N GLU C 146 27.66 6.02 0.99
CA GLU C 146 27.68 4.64 1.48
C GLU C 146 29.06 4.39 2.15
N LYS C 147 30.11 5.06 1.69
CA LYS C 147 31.44 4.91 2.32
C LYS C 147 31.36 5.48 3.73
N CYS C 148 30.34 6.28 3.99
CA CYS C 148 30.19 6.89 5.32
C CYS C 148 29.23 6.11 6.17
N GLY C 149 28.79 4.97 5.67
CA GLY C 149 27.87 4.12 6.42
C GLY C 149 26.38 4.30 6.13
N PHE C 150 26.03 5.17 5.19
CA PHE C 150 24.61 5.36 4.85
C PHE C 150 24.10 4.36 3.78
N SER C 151 22.80 4.17 3.74
CA SER C 151 22.22 3.28 2.74
C SER C 151 21.05 3.99 2.09
N ASN C 152 20.78 3.63 0.84
CA ASN C 152 19.70 4.22 0.07
C ASN C 152 18.39 3.96 0.79
N ALA C 153 17.62 5.02 1.04
CA ALA C 153 16.38 4.93 1.79
C ALA C 153 15.13 5.44 1.08
N GLY C 154 15.29 6.14 -0.01
CA GLY C 154 14.13 6.70 -0.67
C GLY C 154 14.52 7.66 -1.76
N VAL C 155 13.51 8.39 -2.23
CA VAL C 155 13.69 9.34 -3.29
C VAL C 155 13.40 10.77 -2.80
N GLU C 156 14.30 11.70 -3.07
CA GLU C 156 14.04 13.09 -2.69
C GLU C 156 13.20 13.76 -3.79
N MET C 157 12.04 14.30 -3.44
CA MET C 157 11.18 15.01 -4.42
C MET C 157 11.19 16.50 -4.04
N GLN C 158 11.01 17.38 -5.01
CA GLN C 158 11.02 18.82 -4.69
C GLN C 158 10.05 19.59 -5.56
N ILE C 159 9.63 20.77 -5.11
CA ILE C 159 8.73 21.63 -5.88
C ILE C 159 9.29 23.02 -5.59
N ARG C 160 9.41 23.81 -6.64
CA ARG C 160 9.98 25.13 -6.49
C ARG C 160 8.95 26.18 -6.70
N LYS C 161 9.20 27.35 -6.12
CA LYS C 161 8.27 28.45 -6.25
C LYS C 161 8.53 29.01 -7.64
N GLY D 1 -30.99 -37.20 -2.26
CA GLY D 1 -30.48 -36.00 -1.49
C GLY D 1 -31.29 -34.76 -1.84
N SER D 2 -32.51 -34.70 -1.33
CA SER D 2 -33.45 -33.61 -1.57
C SER D 2 -33.87 -32.98 -0.24
N MET D 3 -34.18 -31.70 -0.24
CA MET D 3 -34.59 -31.03 0.99
C MET D 3 -35.76 -30.09 0.73
N SER D 4 -36.84 -30.25 1.47
CA SER D 4 -37.99 -29.39 1.25
C SER D 4 -37.76 -27.97 1.73
N LEU D 5 -38.35 -27.01 1.02
CA LEU D 5 -38.29 -25.60 1.37
C LEU D 5 -39.74 -25.06 1.52
N PRO D 6 -39.92 -23.87 2.09
CA PRO D 6 -41.28 -23.33 2.25
C PRO D 6 -42.01 -23.13 0.91
N ASP D 7 -43.32 -22.94 0.99
CA ASP D 7 -44.13 -22.69 -0.20
C ASP D 7 -44.09 -23.70 -1.37
N GLY D 8 -43.87 -24.97 -1.07
CA GLY D 8 -43.91 -26.01 -2.10
C GLY D 8 -42.74 -26.17 -3.07
N PHE D 9 -41.56 -25.87 -2.55
CA PHE D 9 -40.35 -25.99 -3.32
C PHE D 9 -39.45 -26.98 -2.61
N TYR D 10 -38.44 -27.48 -3.32
CA TYR D 10 -37.43 -28.34 -2.66
C TYR D 10 -36.14 -28.06 -3.41
N ILE D 11 -35.03 -28.32 -2.76
CA ILE D 11 -33.72 -28.05 -3.37
C ILE D 11 -32.91 -29.35 -3.44
N ARG D 12 -32.07 -29.45 -4.46
CA ARG D 12 -31.22 -30.61 -4.64
C ARG D 12 -30.10 -30.26 -5.62
N ARG D 13 -29.06 -31.10 -5.63
CA ARG D 13 -27.96 -30.89 -6.55
C ARG D 13 -28.46 -31.11 -7.97
N MET D 14 -27.89 -30.36 -8.90
CA MET D 14 -28.23 -30.48 -10.29
C MET D 14 -27.89 -31.90 -10.80
N GLU D 15 -28.62 -32.37 -11.81
CA GLU D 15 -28.48 -33.71 -12.39
C GLU D 15 -28.42 -33.65 -13.90
N GLU D 16 -27.91 -34.70 -14.53
CA GLU D 16 -27.86 -34.71 -15.99
C GLU D 16 -29.20 -34.35 -16.61
N GLY D 17 -30.29 -34.93 -16.11
CA GLY D 17 -31.60 -34.66 -16.68
C GLY D 17 -32.14 -33.24 -16.60
N ASP D 18 -31.43 -32.35 -15.91
CA ASP D 18 -31.92 -30.99 -15.76
C ASP D 18 -31.46 -30.08 -16.91
N LEU D 19 -30.74 -30.64 -17.87
CA LEU D 19 -30.22 -29.81 -18.95
C LEU D 19 -31.17 -28.81 -19.57
N GLU D 20 -32.29 -29.31 -20.09
CA GLU D 20 -33.23 -28.46 -20.75
C GLU D 20 -33.77 -27.39 -19.83
N GLN D 21 -34.22 -27.77 -18.66
CA GLN D 21 -34.78 -26.77 -17.77
C GLN D 21 -33.77 -25.80 -17.17
N VAL D 22 -32.57 -26.30 -16.90
CA VAL D 22 -31.52 -25.43 -16.35
C VAL D 22 -31.07 -24.44 -17.45
N THR D 23 -30.95 -24.94 -18.70
CA THR D 23 -30.58 -24.11 -19.84
C THR D 23 -31.56 -22.97 -19.97
N GLU D 24 -32.84 -23.30 -19.91
CA GLU D 24 -33.83 -22.26 -20.06
C GLU D 24 -33.77 -21.26 -18.92
N THR D 25 -33.52 -21.73 -17.72
CA THR D 25 -33.44 -20.86 -16.56
C THR D 25 -32.23 -19.90 -16.64
N LEU D 26 -31.07 -20.43 -16.98
CA LEU D 26 -29.87 -19.56 -17.02
C LEU D 26 -29.96 -18.48 -18.11
N LYS D 27 -30.75 -18.73 -19.16
CA LYS D 27 -30.94 -17.73 -20.20
C LYS D 27 -31.52 -16.47 -19.57
N VAL D 28 -32.07 -16.59 -18.37
CA VAL D 28 -32.59 -15.41 -17.69
C VAL D 28 -31.39 -14.51 -17.35
N LEU D 29 -30.25 -15.15 -17.17
CA LEU D 29 -29.04 -14.46 -16.78
C LEU D 29 -28.19 -14.00 -17.96
N THR D 30 -27.88 -14.88 -18.90
CA THR D 30 -27.02 -14.51 -20.02
C THR D 30 -27.06 -15.61 -21.08
N THR D 31 -26.15 -15.54 -22.07
CA THR D 31 -26.09 -16.56 -23.11
C THR D 31 -25.71 -17.92 -22.59
N VAL D 32 -26.44 -18.93 -23.05
CA VAL D 32 -26.11 -20.28 -22.67
C VAL D 32 -25.55 -21.00 -23.89
N GLY D 33 -26.25 -20.85 -25.02
CA GLY D 33 -25.80 -21.47 -26.24
C GLY D 33 -26.20 -22.92 -26.37
N THR D 34 -25.51 -23.59 -27.28
CA THR D 34 -25.76 -24.99 -27.60
C THR D 34 -24.92 -25.86 -26.69
N ILE D 35 -25.55 -26.83 -26.02
CA ILE D 35 -24.86 -27.76 -25.16
C ILE D 35 -25.47 -29.15 -25.35
N THR D 36 -24.66 -30.11 -25.76
CA THR D 36 -25.19 -31.44 -25.98
C THR D 36 -25.33 -32.18 -24.67
N PRO D 37 -26.21 -33.18 -24.67
CA PRO D 37 -26.48 -34.04 -23.51
C PRO D 37 -25.19 -34.73 -23.07
N GLU D 38 -24.40 -35.21 -24.03
CA GLU D 38 -23.14 -35.85 -23.66
C GLU D 38 -22.16 -34.88 -22.99
N SER D 39 -22.02 -33.67 -23.52
CA SER D 39 -21.13 -32.68 -22.88
C SER D 39 -21.65 -32.37 -21.47
N PHE D 40 -22.96 -32.14 -21.39
CA PHE D 40 -23.55 -31.80 -20.10
C PHE D 40 -23.32 -32.91 -19.14
N CYS D 41 -23.43 -34.16 -19.62
CA CYS D 41 -23.21 -35.30 -18.73
C CYS D 41 -21.78 -35.31 -18.20
N LYS D 42 -20.83 -34.91 -19.03
CA LYS D 42 -19.42 -34.88 -18.61
C LYS D 42 -19.24 -33.74 -17.61
N LEU D 43 -19.91 -32.62 -17.84
CA LEU D 43 -19.80 -31.49 -16.89
C LEU D 43 -20.29 -31.90 -15.52
N ILE D 44 -21.44 -32.59 -15.48
CA ILE D 44 -21.99 -33.00 -14.21
C ILE D 44 -21.06 -33.99 -13.51
N LYS D 45 -20.44 -34.89 -14.28
CA LYS D 45 -19.52 -35.87 -13.70
C LYS D 45 -18.37 -35.12 -13.01
N TYR D 46 -17.80 -34.13 -13.72
CA TYR D 46 -16.70 -33.33 -13.21
C TYR D 46 -17.17 -32.61 -11.92
N TRP D 47 -18.33 -31.96 -11.98
CA TRP D 47 -18.88 -31.27 -10.81
C TRP D 47 -19.20 -32.19 -9.62
N ASN D 48 -19.44 -33.46 -9.90
CA ASN D 48 -19.78 -34.37 -8.82
C ASN D 48 -18.54 -35.03 -8.21
N GLU D 49 -17.40 -34.90 -8.87
CA GLU D 49 -16.19 -35.54 -8.33
C GLU D 49 -15.08 -34.63 -7.82
N ALA D 50 -15.09 -33.37 -8.25
CA ALA D 50 -14.08 -32.43 -7.84
C ALA D 50 -14.24 -32.05 -6.38
N THR D 51 -13.22 -32.34 -5.59
CA THR D 51 -13.27 -32.03 -4.17
C THR D 51 -12.08 -31.14 -3.83
N VAL D 52 -12.24 -30.38 -2.76
CA VAL D 52 -11.22 -29.49 -2.23
C VAL D 52 -10.53 -30.26 -1.10
N TRP D 53 -9.20 -30.38 -1.18
CA TRP D 53 -8.43 -31.07 -0.11
C TRP D 53 -8.82 -30.56 1.28
N ASN D 54 -8.96 -31.49 2.21
CA ASN D 54 -9.28 -31.14 3.60
C ASN D 54 -9.02 -32.33 4.50
N ASP D 55 -8.96 -32.09 5.80
CA ASP D 55 -8.71 -33.19 6.70
C ASP D 55 -9.94 -33.90 7.26
N ASN D 56 -11.13 -33.29 7.22
CA ASN D 56 -12.34 -33.98 7.69
C ASN D 56 -12.80 -34.87 6.53
N GLU D 57 -12.14 -36.01 6.38
CA GLU D 57 -12.43 -36.96 5.32
C GLU D 57 -13.83 -37.54 5.44
N ASP D 58 -14.52 -37.17 6.52
CA ASP D 58 -15.88 -37.62 6.81
C ASP D 58 -16.91 -36.76 6.08
N LYS D 59 -16.52 -35.54 5.76
CA LYS D 59 -17.39 -34.59 5.07
C LYS D 59 -16.55 -34.08 3.92
N LYS D 60 -16.81 -34.60 2.74
CA LYS D 60 -16.07 -34.17 1.56
C LYS D 60 -16.49 -32.78 1.17
N ILE D 61 -15.53 -31.98 0.73
CA ILE D 61 -15.86 -30.65 0.29
C ILE D 61 -15.95 -30.69 -1.23
N MET D 62 -17.15 -30.44 -1.75
CA MET D 62 -17.33 -30.40 -3.20
C MET D 62 -16.91 -29.01 -3.69
N GLN D 63 -16.07 -28.99 -4.71
CA GLN D 63 -15.62 -27.74 -5.27
C GLN D 63 -16.83 -27.00 -5.83
N TYR D 64 -17.68 -27.73 -6.53
CA TYR D 64 -18.89 -27.17 -7.13
C TYR D 64 -20.11 -27.66 -6.40
N ASN D 65 -21.07 -26.75 -6.20
CA ASN D 65 -22.31 -27.11 -5.49
C ASN D 65 -23.50 -26.51 -6.28
N PRO D 66 -23.77 -27.06 -7.48
CA PRO D 66 -24.83 -26.65 -8.39
C PRO D 66 -26.17 -27.12 -7.87
N MET D 67 -26.97 -26.14 -7.47
CA MET D 67 -28.27 -26.44 -6.92
C MET D 67 -29.42 -26.02 -7.81
N VAL D 68 -30.51 -26.77 -7.73
CA VAL D 68 -31.73 -26.39 -8.44
C VAL D 68 -32.87 -26.40 -7.40
N ILE D 69 -33.78 -25.44 -7.52
CA ILE D 69 -34.94 -25.40 -6.63
C ILE D 69 -36.05 -25.78 -7.61
N VAL D 70 -36.74 -26.86 -7.28
CA VAL D 70 -37.82 -27.43 -8.10
C VAL D 70 -39.15 -27.03 -7.47
N ASP D 71 -40.11 -26.70 -8.31
CA ASP D 71 -41.45 -26.31 -7.90
C ASP D 71 -42.23 -27.64 -7.84
N LYS D 72 -42.74 -28.02 -6.67
CA LYS D 72 -43.48 -29.27 -6.54
C LYS D 72 -44.76 -29.26 -7.36
N ARG D 73 -45.39 -28.09 -7.47
CA ARG D 73 -46.63 -27.95 -8.20
C ARG D 73 -46.52 -28.45 -9.62
N THR D 74 -45.37 -28.20 -10.25
CA THR D 74 -45.08 -28.59 -11.63
C THR D 74 -43.92 -29.56 -11.84
N GLU D 75 -43.11 -29.78 -10.80
CA GLU D 75 -41.92 -30.62 -10.94
C GLU D 75 -40.98 -30.05 -12.02
N THR D 76 -40.90 -28.73 -12.07
CA THR D 76 -39.97 -28.06 -12.99
C THR D 76 -39.03 -27.17 -12.16
N VAL D 77 -37.84 -26.94 -12.71
CA VAL D 77 -36.85 -26.12 -12.05
C VAL D 77 -37.33 -24.68 -12.05
N ALA D 78 -37.34 -24.08 -10.85
CA ALA D 78 -37.78 -22.71 -10.66
C ALA D 78 -36.57 -21.77 -10.55
N ALA D 79 -35.46 -22.28 -10.04
CA ALA D 79 -34.26 -21.47 -9.90
C ALA D 79 -33.04 -22.33 -9.77
N THR D 80 -31.87 -21.72 -10.02
CA THR D 80 -30.60 -22.44 -9.89
C THR D 80 -29.55 -21.39 -9.47
N GLY D 81 -28.55 -21.86 -8.74
CA GLY D 81 -27.43 -21.06 -8.23
C GLY D 81 -26.33 -22.05 -7.83
N ASN D 82 -25.09 -21.57 -7.69
CA ASN D 82 -23.97 -22.48 -7.38
C ASN D 82 -23.07 -21.77 -6.36
N ILE D 83 -22.29 -22.53 -5.62
CA ILE D 83 -21.31 -21.91 -4.75
C ILE D 83 -20.03 -22.73 -5.00
N ILE D 84 -18.96 -22.04 -5.41
CA ILE D 84 -17.71 -22.71 -5.72
C ILE D 84 -16.75 -22.48 -4.52
N ILE D 85 -16.09 -23.55 -4.07
CA ILE D 85 -15.22 -23.45 -2.89
C ILE D 85 -13.76 -23.40 -3.29
N GLU D 86 -13.07 -22.41 -2.74
CA GLU D 86 -11.66 -22.19 -3.09
C GLU D 86 -10.81 -22.31 -1.82
N ARG D 87 -9.67 -22.98 -1.90
CA ARG D 87 -8.79 -23.00 -0.74
C ARG D 87 -7.69 -22.00 -1.01
N LYS D 88 -7.47 -21.13 -0.02
CA LYS D 88 -6.44 -20.09 -0.07
C LYS D 88 -5.30 -20.37 0.89
N ILE D 89 -4.34 -19.46 0.93
CA ILE D 89 -3.24 -19.55 1.89
C ILE D 89 -3.63 -18.60 3.04
N ILE D 90 -4.19 -17.43 2.72
CA ILE D 90 -4.60 -16.44 3.75
C ILE D 90 -5.65 -17.04 4.69
N HIS D 91 -5.78 -16.42 5.85
CA HIS D 91 -6.67 -16.91 6.90
C HIS D 91 -6.39 -18.37 7.21
N GLU D 92 -5.12 -18.67 7.49
CA GLU D 92 -4.63 -20.00 7.86
C GLU D 92 -5.16 -21.11 6.98
N LEU D 93 -4.82 -21.00 5.71
CA LEU D 93 -5.27 -21.89 4.65
C LEU D 93 -6.79 -21.90 4.66
N GLY D 94 -7.39 -20.72 4.65
CA GLY D 94 -8.85 -20.63 4.69
C GLY D 94 -9.62 -21.03 3.42
N LEU D 95 -10.95 -21.18 3.58
CA LEU D 95 -11.82 -21.55 2.47
C LEU D 95 -12.67 -20.35 2.16
N CYS D 96 -12.81 -20.01 0.86
CA CYS D 96 -13.64 -18.88 0.48
C CYS D 96 -14.69 -19.46 -0.45
N GLY D 97 -15.95 -19.13 -0.17
CA GLY D 97 -17.03 -19.57 -1.04
C GLY D 97 -17.32 -18.47 -2.04
N HIS D 98 -17.61 -18.86 -3.28
CA HIS D 98 -17.91 -17.90 -4.34
C HIS D 98 -19.28 -18.26 -4.90
N ILE D 99 -20.29 -17.44 -4.64
CA ILE D 99 -21.64 -17.76 -5.15
C ILE D 99 -21.68 -17.24 -6.58
N GLU D 100 -22.20 -18.06 -7.50
CA GLU D 100 -22.22 -17.73 -8.88
C GLU D 100 -23.49 -18.16 -9.58
N ASP D 101 -23.79 -17.50 -10.69
CA ASP D 101 -24.84 -17.93 -11.59
C ASP D 101 -26.20 -18.15 -10.98
N ILE D 102 -26.66 -17.12 -10.30
CA ILE D 102 -27.98 -17.09 -9.65
C ILE D 102 -28.97 -16.73 -10.74
N ALA D 103 -29.94 -17.62 -11.01
CA ALA D 103 -30.93 -17.36 -12.04
C ALA D 103 -32.30 -17.84 -11.51
N VAL D 104 -33.26 -16.93 -11.34
CA VAL D 104 -34.61 -17.30 -10.86
C VAL D 104 -35.50 -17.15 -12.09
N ASN D 105 -36.25 -18.20 -12.48
CA ASN D 105 -37.13 -18.04 -13.64
C ASN D 105 -38.08 -16.89 -13.50
N SER D 106 -38.35 -16.21 -14.60
CA SER D 106 -39.17 -15.00 -14.58
C SER D 106 -40.58 -15.19 -14.02
N LYS D 107 -41.16 -16.37 -14.19
CA LYS D 107 -42.49 -16.59 -13.60
C LYS D 107 -42.44 -16.59 -12.05
N TYR D 108 -41.25 -16.76 -11.49
CA TYR D 108 -41.14 -16.82 -10.02
C TYR D 108 -40.61 -15.59 -9.37
N GLN D 109 -40.38 -14.56 -10.15
CA GLN D 109 -39.82 -13.36 -9.59
C GLN D 109 -40.77 -12.64 -8.63
N GLY D 110 -40.21 -12.06 -7.57
CA GLY D 110 -41.03 -11.36 -6.59
C GLY D 110 -41.65 -12.28 -5.53
N GLN D 111 -41.21 -13.53 -5.49
CA GLN D 111 -41.73 -14.53 -4.56
C GLN D 111 -40.79 -14.97 -3.42
N GLY D 112 -39.64 -14.32 -3.31
CA GLY D 112 -38.70 -14.66 -2.26
C GLY D 112 -37.88 -15.90 -2.59
N LEU D 113 -37.95 -16.35 -3.84
CA LEU D 113 -37.21 -17.54 -4.22
C LEU D 113 -35.69 -17.24 -4.26
N GLY D 114 -35.34 -16.06 -4.70
CA GLY D 114 -33.92 -15.71 -4.74
C GLY D 114 -33.33 -15.80 -3.35
N LYS D 115 -34.06 -15.28 -2.35
CA LYS D 115 -33.55 -15.31 -0.99
C LYS D 115 -33.39 -16.73 -0.48
N LEU D 116 -34.38 -17.57 -0.74
CA LEU D 116 -34.33 -18.98 -0.34
C LEU D 116 -33.07 -19.65 -0.89
N LEU D 117 -32.86 -19.46 -2.19
CA LEU D 117 -31.70 -20.03 -2.86
C LEU D 117 -30.39 -19.52 -2.22
N ILE D 118 -30.23 -18.22 -2.12
CA ILE D 118 -29.01 -17.62 -1.52
C ILE D 118 -28.81 -18.14 -0.08
N ASP D 119 -29.88 -18.19 0.70
CA ASP D 119 -29.75 -18.68 2.05
C ASP D 119 -29.22 -20.11 2.15
N GLN D 120 -29.67 -20.99 1.24
CA GLN D 120 -29.20 -22.37 1.20
C GLN D 120 -27.71 -22.42 0.75
N LEU D 121 -27.34 -21.58 -0.21
CA LEU D 121 -25.94 -21.58 -0.70
C LEU D 121 -24.97 -21.15 0.41
N VAL D 122 -25.36 -20.12 1.14
CA VAL D 122 -24.59 -19.61 2.27
C VAL D 122 -24.43 -20.73 3.33
N THR D 123 -25.52 -21.43 3.63
CA THR D 123 -25.45 -22.51 4.60
C THR D 123 -24.46 -23.55 4.15
N ILE D 124 -24.50 -23.87 2.87
CA ILE D 124 -23.60 -24.86 2.33
C ILE D 124 -22.15 -24.40 2.51
N GLY D 125 -21.86 -23.14 2.15
CA GLY D 125 -20.48 -22.66 2.26
C GLY D 125 -20.00 -22.63 3.72
N PHE D 126 -20.85 -22.12 4.62
CA PHE D 126 -20.43 -22.06 6.00
C PHE D 126 -20.35 -23.43 6.62
N ASP D 127 -21.17 -24.37 6.18
CA ASP D 127 -21.07 -25.69 6.75
C ASP D 127 -19.73 -26.28 6.38
N TYR D 128 -19.20 -25.89 5.22
CA TYR D 128 -17.90 -26.40 4.80
C TYR D 128 -16.78 -25.76 5.59
N GLY D 129 -17.09 -24.67 6.29
CA GLY D 129 -16.07 -23.97 7.04
C GLY D 129 -15.50 -22.71 6.35
N CYS D 130 -16.19 -22.16 5.35
CA CYS D 130 -15.71 -20.94 4.70
C CYS D 130 -15.62 -19.79 5.70
N TYR D 131 -14.55 -19.03 5.68
CA TYR D 131 -14.46 -17.88 6.57
C TYR D 131 -15.30 -16.72 5.98
N LYS D 132 -15.54 -16.76 4.67
CA LYS D 132 -16.38 -15.76 4.05
C LYS D 132 -16.98 -16.32 2.79
N ILE D 133 -18.06 -15.68 2.36
CA ILE D 133 -18.70 -16.08 1.11
C ILE D 133 -18.92 -14.78 0.36
N ILE D 134 -18.54 -14.77 -0.91
CA ILE D 134 -18.67 -13.58 -1.74
C ILE D 134 -19.40 -13.83 -3.05
N LEU D 135 -19.85 -12.74 -3.63
CA LEU D 135 -20.50 -12.76 -4.93
C LEU D 135 -20.42 -11.38 -5.53
N ASP D 136 -20.68 -11.29 -6.83
CA ASP D 136 -20.67 -10.02 -7.51
C ASP D 136 -22.10 -9.75 -8.05
N CYS D 137 -22.58 -8.53 -7.93
CA CYS D 137 -23.93 -8.25 -8.43
C CYS D 137 -24.03 -6.88 -9.08
N ASP D 138 -25.11 -6.66 -9.84
CA ASP D 138 -25.33 -5.35 -10.43
C ASP D 138 -25.76 -4.44 -9.32
N GLU D 139 -25.54 -3.15 -9.49
CA GLU D 139 -25.91 -2.17 -8.48
C GLU D 139 -27.36 -2.34 -8.01
N LYS D 140 -28.22 -2.70 -8.95
CA LYS D 140 -29.66 -2.89 -8.69
C LYS D 140 -29.97 -3.87 -7.60
N ASN D 141 -29.13 -4.90 -7.49
CA ASN D 141 -29.37 -5.96 -6.52
C ASN D 141 -28.65 -5.86 -5.24
N VAL D 142 -27.92 -4.76 -5.08
CA VAL D 142 -27.19 -4.61 -3.84
C VAL D 142 -28.18 -4.72 -2.67
N LYS D 143 -29.30 -4.00 -2.77
CA LYS D 143 -30.27 -4.01 -1.68
C LYS D 143 -30.78 -5.40 -1.39
N PHE D 144 -31.11 -6.14 -2.44
CA PHE D 144 -31.58 -7.50 -2.30
C PHE D 144 -30.54 -8.33 -1.54
N TYR D 145 -29.27 -8.19 -1.91
CA TYR D 145 -28.24 -8.95 -1.23
C TYR D 145 -28.05 -8.51 0.19
N GLU D 146 -28.23 -7.21 0.46
CA GLU D 146 -28.12 -6.74 1.83
C GLU D 146 -29.27 -7.38 2.63
N LYS D 147 -30.42 -7.58 1.99
CA LYS D 147 -31.53 -8.24 2.73
C LYS D 147 -31.14 -9.70 3.00
N CYS D 148 -30.12 -10.20 2.29
CA CYS D 148 -29.72 -11.58 2.49
C CYS D 148 -28.59 -11.65 3.52
N GLY D 149 -28.19 -10.51 4.07
CA GLY D 149 -27.15 -10.51 5.05
C GLY D 149 -25.75 -10.19 4.52
N PHE D 150 -25.65 -9.83 3.25
CA PHE D 150 -24.35 -9.51 2.67
C PHE D 150 -24.12 -8.02 2.80
N SER D 151 -22.86 -7.60 2.76
CA SER D 151 -22.55 -6.18 2.82
C SER D 151 -21.55 -5.84 1.70
N ASN D 152 -21.60 -4.60 1.27
CA ASN D 152 -20.72 -4.15 0.20
C ASN D 152 -19.26 -4.33 0.64
N ALA D 153 -18.50 -5.08 -0.16
CA ALA D 153 -17.13 -5.43 0.16
C ALA D 153 -16.07 -4.94 -0.83
N GLY D 154 -16.46 -4.46 -2.00
CA GLY D 154 -15.47 -4.03 -2.97
C GLY D 154 -16.08 -3.80 -4.33
N VAL D 155 -15.24 -3.79 -5.35
CA VAL D 155 -15.67 -3.53 -6.70
C VAL D 155 -15.31 -4.71 -7.60
N GLU D 156 -16.27 -5.21 -8.38
CA GLU D 156 -15.95 -6.28 -9.33
C GLU D 156 -15.38 -5.64 -10.62
N MET D 157 -14.21 -6.13 -11.06
CA MET D 157 -13.54 -5.66 -12.28
C MET D 157 -13.46 -6.86 -13.23
N GLN D 158 -13.59 -6.62 -14.53
CA GLN D 158 -13.50 -7.75 -15.45
C GLN D 158 -12.76 -7.38 -16.72
N ILE D 159 -12.33 -8.41 -17.43
CA ILE D 159 -11.77 -8.23 -18.75
C ILE D 159 -12.35 -9.42 -19.57
N ARG D 160 -12.80 -9.16 -20.79
CA ARG D 160 -13.46 -10.17 -21.60
C ARG D 160 -12.64 -10.63 -22.79
N LYS D 161 -12.72 -11.91 -23.09
CA LYS D 161 -12.00 -12.41 -24.25
C LYS D 161 -12.70 -11.91 -25.53
C1 16G E . -8.86 -8.53 -2.04
C2 16G E . -8.28 -9.49 -3.04
C3 16G E . -8.86 -10.89 -2.77
C4 16G E . -8.41 -11.32 -1.35
C5 16G E . -8.88 -10.39 -0.36
C6 16G E . -8.40 -10.51 1.03
C7 16G E . -7.48 -9.11 -5.27
C8 16G E . -7.73 -8.73 -6.65
N2 16G E . -8.56 -9.07 -4.40
O1 16G E . -10.26 -8.50 -2.26
O3 16G E . -8.39 -11.83 -3.72
O4 16G E . -8.82 -12.63 -1.02
O5 16G E . -8.58 -9.02 -0.71
O6 16G E . -9.36 -9.86 1.92
O7 16G E . -6.38 -9.46 -4.89
P 16G E . -10.04 -10.70 3.18
O1P 16G E . -10.66 -11.92 2.65
O2P 16G E . -10.95 -9.70 3.76
O3P 16G E . -8.95 -11.18 4.12
N1A COA F . -3.44 4.93 -7.72
C2A COA F . -3.44 5.18 -9.03
N3A COA F . -2.70 4.53 -10.01
C4A COA F . -1.91 3.57 -9.42
C5A COA F . -1.84 3.20 -8.12
C6A COA F . -2.67 3.97 -7.20
N6A COA F . -2.70 3.79 -5.88
N7A COA F . -0.94 2.18 -7.94
C8A COA F . -0.48 1.94 -9.15
N9A COA F . -1.03 2.77 -10.09
C1B COA F . -0.77 2.84 -11.49
C2B COA F . 0.73 3.15 -11.82
O2B COA F . 1.01 4.58 -11.84
C3B COA F . 0.94 2.52 -13.21
O3B COA F . 0.44 3.41 -14.19
P3B COA F . 1.34 4.12 -15.31
O7A COA F . 2.34 4.94 -14.53
O8A COA F . 0.38 4.94 -16.07
O9A COA F . 1.95 3.02 -16.00
C4B COA F . 0.05 1.27 -13.15
O4B COA F . -0.97 1.58 -12.18
C5B COA F . 0.83 0.02 -12.79
O5B COA F . 1.52 0.22 -11.58
P1A COA F . 2.47 -0.84 -10.94
O1A COA F . 3.82 -0.19 -10.84
O2A COA F . 2.39 -2.14 -11.74
O3A COA F . 1.92 -0.96 -9.48
P2A COA F . 2.39 -1.82 -8.26
O4A COA F . 2.75 -0.74 -7.28
O5A COA F . 3.50 -2.73 -8.67
O6A COA F . 1.20 -2.61 -7.75
CBP COA F . -0.59 -2.73 -6.22
CCP COA F . 0.01 -1.92 -7.32
CDP COA F . -0.87 -4.18 -6.74
CEP COA F . 0.40 -2.76 -5.01
CAP COA F . -1.90 -1.92 -5.81
OAP COA F . -2.58 -1.42 -6.97
C9P COA F . -2.82 -2.79 -4.98
O9P COA F . -3.79 -3.33 -5.55
N8P COA F . -2.52 -2.98 -3.66
C7P COA F . -3.34 -3.86 -2.81
C6P COA F . -2.71 -5.27 -2.70
C5P COA F . -1.26 -5.10 -2.32
O5P COA F . -0.33 -5.42 -3.11
N4P COA F . -1.08 -4.51 -1.14
C3P COA F . -0.19 -3.97 -0.12
C2P COA F . -0.43 -2.46 -0.28
S1P COA F . 0.67 -1.74 1.02
N1 IMD G . -3.54 -8.35 -19.92
C2 IMD G . -4.47 -7.86 -20.69
N3 IMD G . -4.74 -8.44 -21.84
C4 IMD G . -3.84 -9.45 -21.78
C5 IMD G . -3.05 -9.48 -20.66
C1 16G H . 8.52 8.54 4.47
C2 16G H . 7.96 9.93 4.83
C3 16G H . 8.82 10.54 5.96
C4 16G H . 8.71 9.61 7.17
C5 16G H . 9.20 8.30 6.85
C6 16G H . 9.04 7.27 7.87
C7 16G H . 6.73 11.40 3.35
C8 16G H . 6.76 12.26 2.17
N2 16G H . 7.92 10.76 3.68
O1 16G H . 9.84 8.63 3.93
O3 16G H . 8.33 11.86 6.35
O4 16G H . 9.44 10.11 8.29
O5 16G H . 8.54 7.76 5.66
O6 16G H . 9.96 6.17 7.60
O7 16G H . 5.76 11.26 4.00
P 16G H . 10.83 5.46 8.81
O1P 16G H . 11.65 6.54 9.54
O2P 16G H . 11.64 4.42 8.12
O3P 16G H . 9.88 4.90 9.83
N1A COA I . 0.95 5.53 -8.12
C2A COA I . 0.50 6.34 -9.09
N3A COA I . -0.43 7.30 -8.98
C4A COA I . -0.91 7.36 -7.68
C5A COA I . -0.56 6.61 -6.61
C6A COA I . 0.45 5.63 -6.86
N6A COA I . 0.93 4.82 -5.90
N7A COA I . -1.28 6.97 -5.48
C8A COA I . -2.04 7.92 -5.88
N9A COA I . -1.88 8.22 -7.22
C1B COA I . -2.51 9.22 -7.98
C2B COA I . -4.03 9.21 -8.00
O2B COA I . -4.52 8.28 -8.98
C3B COA I . -4.36 10.66 -8.31
O3B COA I . -4.20 10.90 -9.71
P3B COA I . -5.39 11.67 -10.51
O7A COA I . -6.55 10.80 -10.33
O8A COA I . -4.84 11.72 -11.91
O9A COA I . -5.48 12.97 -9.76
C4B COA I . -3.30 11.44 -7.52
O4B COA I . -2.23 10.53 -7.49
C5B COA I . -3.78 11.83 -6.11
O5B COA I . -4.21 10.72 -5.44
P1A COA I . -4.86 10.71 -3.97
O1A COA I . -6.17 10.05 -4.16
O2A COA I . -4.90 12.11 -3.45
O3A COA I . -3.94 9.71 -3.14
P2A COA I . -4.04 9.24 -1.65
O4A COA I . -4.21 7.81 -1.71
O5A COA I . -5.14 9.98 -0.99
O6A COA I . -2.64 9.61 -1.01
CBP COA I . -0.68 8.49 -0.23
CCP COA I . -1.44 8.97 -1.47
CDP COA I . 0.61 7.77 -0.70
CEP COA I . -0.31 9.75 0.62
CAP COA I . -1.62 7.50 0.56
OAP COA I . -2.22 6.51 -0.28
C9P COA I . -0.86 6.80 1.70
O9P COA I . -0.60 7.41 2.73
N8P COA I . -0.51 5.55 1.49
C7P COA I . 0.26 4.77 2.49
C6P COA I . 0.72 3.46 1.88
C5P COA I . -0.43 2.47 1.77
O5P COA I . -0.60 1.81 0.70
N4P COA I . -1.26 2.38 2.86
C1 16G J . -23.77 -12.34 -12.53
C2 16G J . -23.61 -13.57 -11.65
C3 16G J . -22.36 -14.36 -12.08
C4 16G J . -22.56 -14.82 -13.55
C5 16G J . -22.73 -13.70 -14.40
C6 16G J . -23.10 -13.96 -15.77
C7 16G J . -24.48 -13.72 -9.45
C8 16G J . -24.44 -13.29 -8.05
N2 16G J . -23.57 -13.15 -10.29
O1 16G J . -22.63 -11.46 -12.30
O3 16G J . -22.20 -15.50 -11.22
O4 16G J . -21.49 -15.59 -14.10
O5 16G J . -23.78 -12.79 -13.89
O6 16G J . -22.75 -12.82 -16.50
O7 16G J . -25.28 -14.52 -9.85
P 16G J . -21.78 -12.92 -17.82
O1P 16G J . -20.60 -13.75 -17.39
O2P 16G J . -21.64 -11.50 -18.11
O3P 16G J . -22.44 -13.66 -18.96
#